data_5CH0
# 
_entry.id   5CH0 
# 
_audit_conform.dict_name       mmcif_pdbx.dic 
_audit_conform.dict_version    5.379 
_audit_conform.dict_location   http://mmcif.pdb.org/dictionaries/ascii/mmcif_pdbx.dic 
# 
loop_
_database_2.database_id 
_database_2.database_code 
_database_2.pdbx_database_accession 
_database_2.pdbx_DOI 
PDB   5CH0         pdb_00005ch0 10.2210/pdb5ch0/pdb 
WWPDB D_1000211609 ?            ?                   
# 
_pdbx_database_related.content_type   unspecified 
_pdbx_database_related.db_id          5CJY 
_pdbx_database_related.db_name        PDB 
_pdbx_database_related.details        . 
# 
_pdbx_database_status.status_code                     REL 
_pdbx_database_status.status_code_sf                  REL 
_pdbx_database_status.status_code_mr                  ? 
_pdbx_database_status.entry_id                        5CH0 
_pdbx_database_status.recvd_initial_deposition_date   2015-07-10 
_pdbx_database_status.SG_entry                        N 
_pdbx_database_status.deposit_site                    RCSB 
_pdbx_database_status.process_site                    RCSB 
_pdbx_database_status.status_code_cs                  ? 
_pdbx_database_status.methods_development_category    ? 
_pdbx_database_status.pdb_format_compatible           Y 
_pdbx_database_status.status_code_nmr_data            ? 
# 
_audit_author.name           'Sheng, J.' 
_audit_author.pdbx_ordinal   1 
# 
_citation.abstract                  ? 
_citation.abstract_id_CAS           ? 
_citation.book_id_ISBN              ? 
_citation.book_publisher            ? 
_citation.book_publisher_city       ? 
_citation.book_title                ? 
_citation.coordinate_linkage        ? 
_citation.country                   ? 
_citation.database_id_Medline       ? 
_citation.details                   ? 
_citation.id                        primary 
_citation.journal_abbrev            'To Be Published' 
_citation.journal_id_ASTM           ? 
_citation.journal_id_CSD            0353 
_citation.journal_id_ISSN           ? 
_citation.journal_full              ? 
_citation.journal_issue             ? 
_citation.journal_volume            ? 
_citation.language                  ? 
_citation.page_first                ? 
_citation.page_last                 ? 
_citation.title                     'Crystal structure of an A-form DNA duplex containing 5-hydroxylmethylcytidine' 
_citation.year                      ? 
_citation.database_id_CSD           ? 
_citation.pdbx_database_id_DOI      ? 
_citation.pdbx_database_id_PubMed   ? 
_citation.unpublished_flag          ? 
# 
_citation_author.citation_id        primary 
_citation_author.name               'Sheng, J.' 
_citation_author.ordinal            1 
_citation_author.identifier_ORCID   ? 
# 
_cell.angle_alpha                  90.00 
_cell.angle_alpha_esd              ? 
_cell.angle_beta                   90.00 
_cell.angle_beta_esd               ? 
_cell.angle_gamma                  90.00 
_cell.angle_gamma_esd              ? 
_cell.entry_id                     5CH0 
_cell.details                      ? 
_cell.formula_units_Z              ? 
_cell.length_a                     43.050 
_cell.length_a_esd                 ? 
_cell.length_b                     43.050 
_cell.length_b_esd                 ? 
_cell.length_c                     23.764 
_cell.length_c_esd                 ? 
_cell.volume                       ? 
_cell.volume_esd                   ? 
_cell.Z_PDB                        8 
_cell.reciprocal_angle_alpha       ? 
_cell.reciprocal_angle_beta        ? 
_cell.reciprocal_angle_gamma       ? 
_cell.reciprocal_angle_alpha_esd   ? 
_cell.reciprocal_angle_beta_esd    ? 
_cell.reciprocal_angle_gamma_esd   ? 
_cell.reciprocal_length_a          ? 
_cell.reciprocal_length_b          ? 
_cell.reciprocal_length_c          ? 
_cell.reciprocal_length_a_esd      ? 
_cell.reciprocal_length_b_esd      ? 
_cell.reciprocal_length_c_esd      ? 
_cell.pdbx_unique_axis             ? 
# 
_symmetry.entry_id                         5CH0 
_symmetry.cell_setting                     ? 
_symmetry.Int_Tables_number                96 
_symmetry.space_group_name_Hall            ? 
_symmetry.space_group_name_H-M             'P 43 21 2' 
_symmetry.pdbx_full_space_group_name_H-M   ? 
# 
loop_
_entity.id 
_entity.type 
_entity.src_method 
_entity.pdbx_description 
_entity.formula_weight 
_entity.pdbx_number_of_molecules 
_entity.pdbx_ec 
_entity.pdbx_mutation 
_entity.pdbx_fragment 
_entity.details 
1 polymer syn 
;DNA (5'-R(*G)-D(P*(UMS))-R(P*G)-D(P*T)-R(P*A)-D(P*(5HC))-R(P*AP*C)-3')
;
2535.603 1  ? ? ? ? 
2 water   nat water                                                                    18.015   37 ? ? ? ? 
# 
_entity_poly.entity_id                      1 
_entity_poly.type                           polydeoxyribonucleotide 
_entity_poly.nstd_linkage                   no 
_entity_poly.nstd_monomer                   yes 
_entity_poly.pdbx_seq_one_letter_code       '(DG)(UMS)(DG)(DT)(DA)(5HC)(DA)(DC)' 
_entity_poly.pdbx_seq_one_letter_code_can   GUGTAXAC 
_entity_poly.pdbx_strand_id                 A 
_entity_poly.pdbx_target_identifier         ? 
# 
loop_
_entity_poly_seq.entity_id 
_entity_poly_seq.num 
_entity_poly_seq.mon_id 
_entity_poly_seq.hetero 
1 1 DG  n 
1 2 UMS n 
1 3 DG  n 
1 4 DT  n 
1 5 DA  n 
1 6 5HC n 
1 7 DA  n 
1 8 DC  n 
# 
_pdbx_entity_src_syn.entity_id              1 
_pdbx_entity_src_syn.pdbx_src_id            1 
_pdbx_entity_src_syn.pdbx_alt_source_flag   sample 
_pdbx_entity_src_syn.pdbx_beg_seq_num       1 
_pdbx_entity_src_syn.pdbx_end_seq_num       8 
_pdbx_entity_src_syn.organism_scientific    'synthetic construct' 
_pdbx_entity_src_syn.organism_common_name   ? 
_pdbx_entity_src_syn.ncbi_taxonomy_id       32630 
_pdbx_entity_src_syn.details                ? 
# 
_struct_ref.id                         1 
_struct_ref.db_name                    PDB 
_struct_ref.db_code                    5CH0 
_struct_ref.pdbx_db_accession          5CH0 
_struct_ref.pdbx_db_isoform            ? 
_struct_ref.entity_id                  1 
_struct_ref.pdbx_seq_one_letter_code   ? 
_struct_ref.pdbx_align_begin           1 
# 
_struct_ref_seq.align_id                      1 
_struct_ref_seq.ref_id                        1 
_struct_ref_seq.pdbx_PDB_id_code              5CH0 
_struct_ref_seq.pdbx_strand_id                A 
_struct_ref_seq.seq_align_beg                 1 
_struct_ref_seq.pdbx_seq_align_beg_ins_code   ? 
_struct_ref_seq.seq_align_end                 8 
_struct_ref_seq.pdbx_seq_align_end_ins_code   ? 
_struct_ref_seq.pdbx_db_accession             5CH0 
_struct_ref_seq.db_align_beg                  1 
_struct_ref_seq.pdbx_db_align_beg_ins_code    ? 
_struct_ref_seq.db_align_end                  8 
_struct_ref_seq.pdbx_db_align_end_ins_code    ? 
_struct_ref_seq.pdbx_auth_seq_align_beg       1 
_struct_ref_seq.pdbx_auth_seq_align_end       8 
# 
loop_
_chem_comp.id 
_chem_comp.type 
_chem_comp.mon_nstd_flag 
_chem_comp.name 
_chem_comp.pdbx_synonyms 
_chem_comp.formula 
_chem_comp.formula_weight 
5HC 'DNA linking' n 
;2'-deoxy-5-(hydroxymethyl)cytidine 5'-(dihydrogen phosphate)
;
? 'C10 H16 N3 O8 P'    337.223 
DA  'DNA linking' y "2'-DEOXYADENOSINE-5'-MONOPHOSPHATE"                           ? 'C10 H14 N5 O6 P'    331.222 
DC  'DNA linking' y "2'-DEOXYCYTIDINE-5'-MONOPHOSPHATE"                            ? 'C9 H14 N3 O7 P'     307.197 
DG  'DNA linking' y "2'-DEOXYGUANOSINE-5'-MONOPHOSPHATE"                           ? 'C10 H14 N5 O7 P'    347.221 
DT  'DNA linking' y "THYMIDINE-5'-MONOPHOSPHATE"                                   ? 'C10 H15 N2 O8 P'    322.208 
HOH non-polymer   . WATER                                                          ? 'H2 O'               18.015  
UMS 'DNA linking' n "2'-METHYLSELENYL-2'-DEOXYURIDINE-5'-PHOSPHATE"                ? 'C10 H15 N2 O8 P Se' 401.168 
# 
_exptl.absorpt_coefficient_mu     ? 
_exptl.absorpt_correction_T_max   ? 
_exptl.absorpt_correction_T_min   ? 
_exptl.absorpt_correction_type    ? 
_exptl.absorpt_process_details    ? 
_exptl.entry_id                   5CH0 
_exptl.crystals_number            ? 
_exptl.details                    ? 
_exptl.method                     'X-RAY DIFFRACTION' 
_exptl.method_details             ? 
# 
_exptl_crystal.colour                      ? 
_exptl_crystal.density_diffrn              ? 
_exptl_crystal.density_Matthews            2.10 
_exptl_crystal.density_method              ? 
_exptl_crystal.density_percent_sol         46.33 
_exptl_crystal.description                 Tetragonal 
_exptl_crystal.F_000                       ? 
_exptl_crystal.id                          1 
_exptl_crystal.preparation                 ? 
_exptl_crystal.size_max                    ? 
_exptl_crystal.size_mid                    ? 
_exptl_crystal.size_min                    ? 
_exptl_crystal.size_rad                    ? 
_exptl_crystal.colour_lustre               ? 
_exptl_crystal.colour_modifier             ? 
_exptl_crystal.colour_primary              ? 
_exptl_crystal.density_meas                ? 
_exptl_crystal.density_meas_esd            ? 
_exptl_crystal.density_meas_gt             ? 
_exptl_crystal.density_meas_lt             ? 
_exptl_crystal.density_meas_temp           ? 
_exptl_crystal.density_meas_temp_esd       ? 
_exptl_crystal.density_meas_temp_gt        ? 
_exptl_crystal.density_meas_temp_lt        ? 
_exptl_crystal.pdbx_crystal_image_url      ? 
_exptl_crystal.pdbx_crystal_image_format   ? 
_exptl_crystal.pdbx_mosaicity              ? 
_exptl_crystal.pdbx_mosaicity_esd          ? 
# 
_exptl_crystal_grow.apparatus       ? 
_exptl_crystal_grow.atmosphere      ? 
_exptl_crystal_grow.crystal_id      1 
_exptl_crystal_grow.details         ? 
_exptl_crystal_grow.method          'VAPOR DIFFUSION, HANGING DROP' 
_exptl_crystal_grow.method_ref      ? 
_exptl_crystal_grow.pH              7.0 
_exptl_crystal_grow.pressure        ? 
_exptl_crystal_grow.pressure_esd    ? 
_exptl_crystal_grow.seeding         ? 
_exptl_crystal_grow.seeding_ref     ? 
_exptl_crystal_grow.temp            298 
_exptl_crystal_grow.temp_details    ? 
_exptl_crystal_grow.temp_esd        ? 
_exptl_crystal_grow.time            ? 
_exptl_crystal_grow.pdbx_details    '10% MPD, 40 mM Na cacodylate pH 7.0, 12 mM spermine tetra-HCl, 12mM KCl and 80 mM NaCl' 
_exptl_crystal_grow.pdbx_pH_range   ? 
# 
_diffrn.ambient_environment    ? 
_diffrn.ambient_temp           99 
_diffrn.ambient_temp_details   ? 
_diffrn.ambient_temp_esd       ? 
_diffrn.crystal_id             1 
_diffrn.crystal_support        ? 
_diffrn.crystal_treatment      ? 
_diffrn.details                ? 
_diffrn.id                     1 
_diffrn.ambient_pressure       ? 
_diffrn.ambient_pressure_esd   ? 
_diffrn.ambient_pressure_gt    ? 
_diffrn.ambient_pressure_lt    ? 
_diffrn.ambient_temp_gt        ? 
_diffrn.ambient_temp_lt        ? 
# 
_diffrn_detector.details                      ? 
_diffrn_detector.detector                     CCD 
_diffrn_detector.diffrn_id                    1 
_diffrn_detector.type                         'ADSC QUANTUM 315' 
_diffrn_detector.area_resol_mean              ? 
_diffrn_detector.dtime                        ? 
_diffrn_detector.pdbx_frames_total            ? 
_diffrn_detector.pdbx_collection_time_total   ? 
_diffrn_detector.pdbx_collection_date         2011-09-05 
# 
_diffrn_radiation.collimation                      ? 
_diffrn_radiation.diffrn_id                        1 
_diffrn_radiation.filter_edge                      ? 
_diffrn_radiation.inhomogeneity                    ? 
_diffrn_radiation.monochromator                    ? 
_diffrn_radiation.polarisn_norm                    ? 
_diffrn_radiation.polarisn_ratio                   ? 
_diffrn_radiation.probe                            ? 
_diffrn_radiation.type                             ? 
_diffrn_radiation.xray_symbol                      ? 
_diffrn_radiation.wavelength_id                    1 
_diffrn_radiation.pdbx_monochromatic_or_laue_m_l   M 
_diffrn_radiation.pdbx_wavelength_list             ? 
_diffrn_radiation.pdbx_wavelength                  ? 
_diffrn_radiation.pdbx_diffrn_protocol             'SINGLE WAVELENGTH' 
_diffrn_radiation.pdbx_analyzer                    ? 
_diffrn_radiation.pdbx_scattering_type             x-ray 
# 
_diffrn_radiation_wavelength.id           1 
_diffrn_radiation_wavelength.wavelength   0.987 
_diffrn_radiation_wavelength.wt           1.0 
# 
_diffrn_source.current                     ? 
_diffrn_source.details                     ? 
_diffrn_source.diffrn_id                   1 
_diffrn_source.power                       ? 
_diffrn_source.size                        ? 
_diffrn_source.source                      SYNCHROTRON 
_diffrn_source.target                      ? 
_diffrn_source.type                        'ALS BEAMLINE 8.2.2' 
_diffrn_source.voltage                     ? 
_diffrn_source.take-off_angle              ? 
_diffrn_source.pdbx_wavelength_list        0.987 
_diffrn_source.pdbx_wavelength             ? 
_diffrn_source.pdbx_synchrotron_beamline   8.2.2 
_diffrn_source.pdbx_synchrotron_site       ALS 
# 
_reflns.B_iso_Wilson_estimate            ? 
_reflns.entry_id                         5CH0 
_reflns.data_reduction_details           ? 
_reflns.data_reduction_method            ? 
_reflns.d_resolution_high                1.4 
_reflns.d_resolution_low                 50 
_reflns.details                          ? 
_reflns.limit_h_max                      ? 
_reflns.limit_h_min                      ? 
_reflns.limit_k_max                      ? 
_reflns.limit_k_min                      ? 
_reflns.limit_l_max                      ? 
_reflns.limit_l_min                      ? 
_reflns.number_all                       ? 
_reflns.number_obs                       4738 
_reflns.observed_criterion               ? 
_reflns.observed_criterion_F_max         ? 
_reflns.observed_criterion_F_min         ? 
_reflns.observed_criterion_I_max         ? 
_reflns.observed_criterion_I_min         ? 
_reflns.observed_criterion_sigma_F       ? 
_reflns.observed_criterion_sigma_I       ? 
_reflns.percent_possible_obs             99.5 
_reflns.R_free_details                   ? 
_reflns.Rmerge_F_all                     ? 
_reflns.Rmerge_F_obs                     ? 
_reflns.Friedel_coverage                 ? 
_reflns.number_gt                        ? 
_reflns.threshold_expression             ? 
_reflns.pdbx_redundancy                  21.4 
_reflns.pdbx_Rmerge_I_obs                0.074 
_reflns.pdbx_Rmerge_I_all                ? 
_reflns.pdbx_Rsym_value                  ? 
_reflns.pdbx_netI_over_av_sigmaI         ? 
_reflns.pdbx_netI_over_sigmaI            52.1 
_reflns.pdbx_res_netI_over_av_sigmaI_2   ? 
_reflns.pdbx_res_netI_over_sigmaI_2      ? 
_reflns.pdbx_chi_squared                 ? 
_reflns.pdbx_scaling_rejects             ? 
_reflns.pdbx_d_res_high_opt              ? 
_reflns.pdbx_d_res_low_opt               ? 
_reflns.pdbx_d_res_opt_method            ? 
_reflns.phase_calculation_details        ? 
_reflns.pdbx_Rrim_I_all                  ? 
_reflns.pdbx_Rpim_I_all                  ? 
_reflns.pdbx_d_opt                       ? 
_reflns.pdbx_number_measured_all         ? 
_reflns.pdbx_diffrn_id                   1 
_reflns.pdbx_ordinal                     1 
_reflns.pdbx_CC_half                     ? 
_reflns.pdbx_R_split                     ? 
# 
_reflns_shell.d_res_high                  1.40 
_reflns_shell.d_res_low                   1.42 
_reflns_shell.meanI_over_sigI_all         ? 
_reflns_shell.meanI_over_sigI_obs         9.57 
_reflns_shell.number_measured_all         ? 
_reflns_shell.number_measured_obs         ? 
_reflns_shell.number_possible             ? 
_reflns_shell.number_unique_all           ? 
_reflns_shell.number_unique_obs           ? 
_reflns_shell.percent_possible_all        92.7 
_reflns_shell.percent_possible_obs        ? 
_reflns_shell.Rmerge_F_all                ? 
_reflns_shell.Rmerge_F_obs                ? 
_reflns_shell.Rmerge_I_all                ? 
_reflns_shell.Rmerge_I_obs                0.174 
_reflns_shell.meanI_over_sigI_gt          ? 
_reflns_shell.meanI_over_uI_all           ? 
_reflns_shell.meanI_over_uI_gt            ? 
_reflns_shell.number_measured_gt          ? 
_reflns_shell.number_unique_gt            ? 
_reflns_shell.percent_possible_gt         ? 
_reflns_shell.Rmerge_F_gt                 ? 
_reflns_shell.Rmerge_I_gt                 ? 
_reflns_shell.pdbx_redundancy             6.6 
_reflns_shell.pdbx_Rsym_value             ? 
_reflns_shell.pdbx_chi_squared            ? 
_reflns_shell.pdbx_netI_over_sigmaI_all   ? 
_reflns_shell.pdbx_netI_over_sigmaI_obs   ? 
_reflns_shell.pdbx_Rrim_I_all             ? 
_reflns_shell.pdbx_Rpim_I_all             ? 
_reflns_shell.pdbx_rejects                ? 
_reflns_shell.pdbx_ordinal                1 
_reflns_shell.pdbx_diffrn_id              1 
_reflns_shell.pdbx_CC_half                ? 
_reflns_shell.pdbx_R_split                ? 
# 
_refine.aniso_B[1][1]                            0.15 
_refine.aniso_B[1][2]                            0.00 
_refine.aniso_B[1][3]                            0.00 
_refine.aniso_B[2][2]                            0.15 
_refine.aniso_B[2][3]                            0.00 
_refine.aniso_B[3][3]                            -0.30 
_refine.B_iso_max                                ? 
_refine.B_iso_mean                               7.767 
_refine.B_iso_min                                ? 
_refine.correlation_coeff_Fo_to_Fc               0.945 
_refine.correlation_coeff_Fo_to_Fc_free          0.932 
_refine.details                                  'HYDROGENS HAVE BEEN ADDED IN THE RIDING POSITIONS' 
_refine.diff_density_max                         ? 
_refine.diff_density_max_esd                     ? 
_refine.diff_density_min                         ? 
_refine.diff_density_min_esd                     ? 
_refine.diff_density_rms                         ? 
_refine.diff_density_rms_esd                     ? 
_refine.entry_id                                 5CH0 
_refine.pdbx_refine_id                           'X-RAY DIFFRACTION' 
_refine.ls_abs_structure_details                 ? 
_refine.ls_abs_structure_Flack                   ? 
_refine.ls_abs_structure_Flack_esd               ? 
_refine.ls_abs_structure_Rogers                  ? 
_refine.ls_abs_structure_Rogers_esd              ? 
_refine.ls_d_res_high                            1.40 
_refine.ls_d_res_low                             30.44 
_refine.ls_extinction_coef                       ? 
_refine.ls_extinction_coef_esd                   ? 
_refine.ls_extinction_expression                 ? 
_refine.ls_extinction_method                     ? 
_refine.ls_goodness_of_fit_all                   ? 
_refine.ls_goodness_of_fit_all_esd               ? 
_refine.ls_goodness_of_fit_obs                   ? 
_refine.ls_goodness_of_fit_obs_esd               ? 
_refine.ls_hydrogen_treatment                    ? 
_refine.ls_matrix_type                           ? 
_refine.ls_number_constraints                    ? 
_refine.ls_number_parameters                     ? 
_refine.ls_number_reflns_all                     ? 
_refine.ls_number_reflns_obs                     4496 
_refine.ls_number_reflns_R_free                  215 
_refine.ls_number_reflns_R_work                  ? 
_refine.ls_number_restraints                     ? 
_refine.ls_percent_reflns_obs                    99.58 
_refine.ls_percent_reflns_R_free                 4.6 
_refine.ls_R_factor_all                          ? 
_refine.ls_R_factor_obs                          0.19029 
_refine.ls_R_factor_R_free                       0.20107 
_refine.ls_R_factor_R_free_error                 ? 
_refine.ls_R_factor_R_free_error_details         ? 
_refine.ls_R_factor_R_work                       0.18974 
_refine.ls_R_Fsqd_factor_obs                     ? 
_refine.ls_R_I_factor_obs                        ? 
_refine.ls_redundancy_reflns_all                 ? 
_refine.ls_redundancy_reflns_obs                 ? 
_refine.ls_restrained_S_all                      ? 
_refine.ls_restrained_S_obs                      ? 
_refine.ls_shift_over_esd_max                    ? 
_refine.ls_shift_over_esd_mean                   ? 
_refine.ls_structure_factor_coef                 ? 
_refine.ls_weighting_details                     ? 
_refine.ls_weighting_scheme                      ? 
_refine.ls_wR_factor_all                         ? 
_refine.ls_wR_factor_obs                         ? 
_refine.ls_wR_factor_R_free                      ? 
_refine.ls_wR_factor_R_work                      ? 
_refine.occupancy_max                            ? 
_refine.occupancy_min                            ? 
_refine.solvent_model_details                    MASK 
_refine.solvent_model_param_bsol                 ? 
_refine.solvent_model_param_ksol                 ? 
_refine.ls_R_factor_gt                           ? 
_refine.ls_goodness_of_fit_gt                    ? 
_refine.ls_goodness_of_fit_ref                   ? 
_refine.ls_shift_over_su_max                     ? 
_refine.ls_shift_over_su_max_lt                  ? 
_refine.ls_shift_over_su_mean                    ? 
_refine.ls_shift_over_su_mean_lt                 ? 
_refine.pdbx_ls_sigma_I                          ? 
_refine.pdbx_ls_sigma_F                          ? 
_refine.pdbx_ls_sigma_Fsqd                       ? 
_refine.pdbx_data_cutoff_high_absF               ? 
_refine.pdbx_data_cutoff_high_rms_absF           ? 
_refine.pdbx_data_cutoff_low_absF                ? 
_refine.pdbx_isotropic_thermal_model             ? 
_refine.pdbx_ls_cross_valid_method               THROUGHOUT 
_refine.pdbx_method_to_determine_struct          'MOLECULAR REPLACEMENT' 
_refine.pdbx_starting_model                      1Z7I 
_refine.pdbx_stereochemistry_target_values       'MAXIMUM LIKELIHOOD' 
_refine.pdbx_R_Free_selection_details            RANDOM 
_refine.pdbx_stereochem_target_val_spec_case     ? 
_refine.pdbx_overall_ESU_R                       0.063 
_refine.pdbx_overall_ESU_R_Free                  0.061 
_refine.pdbx_solvent_vdw_probe_radii             1.20 
_refine.pdbx_solvent_ion_probe_radii             0.80 
_refine.pdbx_solvent_shrinkage_radii             0.80 
_refine.pdbx_real_space_R                        ? 
_refine.pdbx_density_correlation                 ? 
_refine.pdbx_pd_number_of_powder_patterns        ? 
_refine.pdbx_pd_number_of_points                 ? 
_refine.pdbx_pd_meas_number_of_points            ? 
_refine.pdbx_pd_proc_ls_prof_R_factor            ? 
_refine.pdbx_pd_proc_ls_prof_wR_factor           ? 
_refine.pdbx_pd_Marquardt_correlation_coeff      ? 
_refine.pdbx_pd_Fsqrd_R_factor                   ? 
_refine.pdbx_pd_ls_matrix_band_width             ? 
_refine.pdbx_overall_phase_error                 ? 
_refine.pdbx_overall_SU_R_free_Cruickshank_DPI   ? 
_refine.pdbx_overall_SU_R_free_Blow_DPI          ? 
_refine.pdbx_overall_SU_R_Blow_DPI               ? 
_refine.pdbx_TLS_residual_ADP_flag               ? 
_refine.pdbx_diffrn_id                           1 
_refine.overall_SU_B                             0.869 
_refine.overall_SU_ML                            0.036 
_refine.overall_SU_R_Cruickshank_DPI             ? 
_refine.overall_SU_R_free                        ? 
_refine.overall_FOM_free_R_set                   ? 
_refine.overall_FOM_work_R_set                   ? 
_refine.pdbx_average_fsc_overall                 ? 
_refine.pdbx_average_fsc_work                    ? 
_refine.pdbx_average_fsc_free                    ? 
# 
_refine_hist.pdbx_refine_id                   'X-RAY DIFFRACTION' 
_refine_hist.cycle_id                         1 
_refine_hist.pdbx_number_atoms_protein        0 
_refine_hist.pdbx_number_atoms_nucleic_acid   164 
_refine_hist.pdbx_number_atoms_ligand         0 
_refine_hist.number_atoms_solvent             37 
_refine_hist.number_atoms_total               201 
_refine_hist.d_res_high                       1.40 
_refine_hist.d_res_low                        30.44 
# 
loop_
_refine_ls_restr.pdbx_refine_id 
_refine_ls_restr.criterion 
_refine_ls_restr.dev_ideal 
_refine_ls_restr.dev_ideal_target 
_refine_ls_restr.number 
_refine_ls_restr.rejects 
_refine_ls_restr.type 
_refine_ls_restr.weight 
_refine_ls_restr.pdbx_restraint_function 
'X-RAY DIFFRACTION' ? 0.010 0.021 183 ? r_bond_refined_d             ? ? 
'X-RAY DIFFRACTION' ? ?     ?     ?   ? r_bond_other_d               ? ? 
'X-RAY DIFFRACTION' ? 1.644 3.000 280 ? r_angle_refined_deg          ? ? 
'X-RAY DIFFRACTION' ? ?     ?     ?   ? r_angle_other_deg            ? ? 
'X-RAY DIFFRACTION' ? ?     ?     ?   ? r_dihedral_angle_1_deg       ? ? 
'X-RAY DIFFRACTION' ? ?     ?     ?   ? r_dihedral_angle_2_deg       ? ? 
'X-RAY DIFFRACTION' ? ?     ?     ?   ? r_dihedral_angle_3_deg       ? ? 
'X-RAY DIFFRACTION' ? ?     ?     ?   ? r_dihedral_angle_4_deg       ? ? 
'X-RAY DIFFRACTION' ? 0.066 0.200 32  ? r_chiral_restr               ? ? 
'X-RAY DIFFRACTION' ? 0.008 0.020 83  ? r_gen_planes_refined         ? ? 
'X-RAY DIFFRACTION' ? ?     ?     ?   ? r_gen_planes_other           ? ? 
'X-RAY DIFFRACTION' ? 0.154 0.200 60  ? r_nbd_refined                ? ? 
'X-RAY DIFFRACTION' ? ?     ?     ?   ? r_nbd_other                  ? ? 
'X-RAY DIFFRACTION' ? 0.271 0.200 109 ? r_nbtor_refined              ? ? 
'X-RAY DIFFRACTION' ? ?     ?     ?   ? r_nbtor_other                ? ? 
'X-RAY DIFFRACTION' ? 0.077 0.200 12  ? r_xyhbond_nbd_refined        ? ? 
'X-RAY DIFFRACTION' ? ?     ?     ?   ? r_xyhbond_nbd_other          ? ? 
'X-RAY DIFFRACTION' ? ?     ?     ?   ? r_metal_ion_refined          ? ? 
'X-RAY DIFFRACTION' ? ?     ?     ?   ? r_metal_ion_other            ? ? 
'X-RAY DIFFRACTION' ? 0.180 0.200 22  ? r_symmetry_vdw_refined       ? ? 
'X-RAY DIFFRACTION' ? ?     ?     ?   ? r_symmetry_vdw_other         ? ? 
'X-RAY DIFFRACTION' ? 0.079 0.200 14  ? r_symmetry_hbond_refined     ? ? 
'X-RAY DIFFRACTION' ? ?     ?     ?   ? r_symmetry_hbond_other       ? ? 
'X-RAY DIFFRACTION' ? ?     ?     ?   ? r_symmetry_metal_ion_refined ? ? 
'X-RAY DIFFRACTION' ? ?     ?     ?   ? r_symmetry_metal_ion_other   ? ? 
'X-RAY DIFFRACTION' ? ?     ?     ?   ? r_mcbond_it                  ? ? 
'X-RAY DIFFRACTION' ? ?     ?     ?   ? r_mcbond_other               ? ? 
'X-RAY DIFFRACTION' ? ?     ?     ?   ? r_mcangle_it                 ? ? 
'X-RAY DIFFRACTION' ? ?     ?     ?   ? r_mcangle_other              ? ? 
'X-RAY DIFFRACTION' ? 0.729 3.000 262 ? r_scbond_it                  ? ? 
'X-RAY DIFFRACTION' ? ?     ?     ?   ? r_scbond_other               ? ? 
'X-RAY DIFFRACTION' ? 1.200 4.500 280 ? r_scangle_it                 ? ? 
'X-RAY DIFFRACTION' ? ?     ?     ?   ? r_scangle_other              ? ? 
'X-RAY DIFFRACTION' ? ?     ?     ?   ? r_long_range_B_refined       ? ? 
'X-RAY DIFFRACTION' ? ?     ?     ?   ? r_long_range_B_other         ? ? 
'X-RAY DIFFRACTION' ? ?     ?     ?   ? r_rigid_bond_restr           ? ? 
'X-RAY DIFFRACTION' ? ?     ?     ?   ? r_sphericity_free            ? ? 
'X-RAY DIFFRACTION' ? ?     ?     ?   ? r_sphericity_bonded          ? ? 
# 
_refine_ls_shell.pdbx_refine_id                   'X-RAY DIFFRACTION' 
_refine_ls_shell.d_res_high                       1.399 
_refine_ls_shell.d_res_low                        1.436 
_refine_ls_shell.number_reflns_all                ? 
_refine_ls_shell.number_reflns_obs                ? 
_refine_ls_shell.number_reflns_R_free             14 
_refine_ls_shell.number_reflns_R_work             308 
_refine_ls_shell.percent_reflns_obs               96.12 
_refine_ls_shell.percent_reflns_R_free            ? 
_refine_ls_shell.R_factor_all                     ? 
_refine_ls_shell.R_factor_obs                     ? 
_refine_ls_shell.R_factor_R_free                  0.140 
_refine_ls_shell.R_factor_R_free_error            ? 
_refine_ls_shell.R_factor_R_work                  0.209 
_refine_ls_shell.redundancy_reflns_all            ? 
_refine_ls_shell.redundancy_reflns_obs            ? 
_refine_ls_shell.wR_factor_all                    ? 
_refine_ls_shell.wR_factor_obs                    ? 
_refine_ls_shell.wR_factor_R_free                 ? 
_refine_ls_shell.wR_factor_R_work                 ? 
_refine_ls_shell.pdbx_total_number_of_bins_used   20 
_refine_ls_shell.pdbx_phase_error                 ? 
_refine_ls_shell.pdbx_fsc_work                    ? 
_refine_ls_shell.pdbx_fsc_free                    ? 
# 
_struct.entry_id                     5CH0 
_struct.title                        'Crystal structure of an A-form DNA duplex containing 5-hydroxylmethylcytidine' 
_struct.pdbx_model_details           ? 
_struct.pdbx_formula_weight          ? 
_struct.pdbx_formula_weight_method   ? 
_struct.pdbx_model_type_details      ? 
_struct.pdbx_CASP_flag               ? 
# 
_struct_keywords.entry_id        5CH0 
_struct_keywords.text            'A-form DNA duplex, 5hmC, DNA' 
_struct_keywords.pdbx_keywords   DNA 
# 
loop_
_struct_asym.id 
_struct_asym.pdbx_blank_PDB_chainid_flag 
_struct_asym.pdbx_modified 
_struct_asym.entity_id 
_struct_asym.details 
A N N 1 ? 
B N N 2 ? 
# 
loop_
_struct_conn.id 
_struct_conn.conn_type_id 
_struct_conn.pdbx_leaving_atom_flag 
_struct_conn.pdbx_PDB_id 
_struct_conn.ptnr1_label_asym_id 
_struct_conn.ptnr1_label_comp_id 
_struct_conn.ptnr1_label_seq_id 
_struct_conn.ptnr1_label_atom_id 
_struct_conn.pdbx_ptnr1_label_alt_id 
_struct_conn.pdbx_ptnr1_PDB_ins_code 
_struct_conn.pdbx_ptnr1_standard_comp_id 
_struct_conn.ptnr1_symmetry 
_struct_conn.ptnr2_label_asym_id 
_struct_conn.ptnr2_label_comp_id 
_struct_conn.ptnr2_label_seq_id 
_struct_conn.ptnr2_label_atom_id 
_struct_conn.pdbx_ptnr2_label_alt_id 
_struct_conn.pdbx_ptnr2_PDB_ins_code 
_struct_conn.ptnr1_auth_asym_id 
_struct_conn.ptnr1_auth_comp_id 
_struct_conn.ptnr1_auth_seq_id 
_struct_conn.ptnr2_auth_asym_id 
_struct_conn.ptnr2_auth_comp_id 
_struct_conn.ptnr2_auth_seq_id 
_struct_conn.ptnr2_symmetry 
_struct_conn.pdbx_ptnr3_label_atom_id 
_struct_conn.pdbx_ptnr3_label_seq_id 
_struct_conn.pdbx_ptnr3_label_comp_id 
_struct_conn.pdbx_ptnr3_label_asym_id 
_struct_conn.pdbx_ptnr3_label_alt_id 
_struct_conn.pdbx_ptnr3_PDB_ins_code 
_struct_conn.details 
_struct_conn.pdbx_dist_value 
_struct_conn.pdbx_value_order 
_struct_conn.pdbx_role 
covale1  covale both ? A DG  1 "O3'" ? ? ? 1_555 A UMS 2 P  ? ? A DG  1 A UMS 2 1_555 ? ? ? ? ? ? ?            1.598 ? ? 
covale2  covale both ? A UMS 2 "O3'" ? ? ? 1_555 A DG  3 P  ? ? A UMS 2 A DG  3 1_555 ? ? ? ? ? ? ?            1.600 ? ? 
covale3  covale both ? A DA  5 "O3'" ? ? ? 1_555 A 5HC 6 P  ? ? A DA  5 A 5HC 6 1_555 ? ? ? ? ? ? ?            1.602 ? ? 
covale4  covale both ? A 5HC 6 "O3'" ? ? ? 1_555 A DA  7 P  ? ? A 5HC 6 A DA  7 1_555 ? ? ? ? ? ? ?            1.597 ? ? 
hydrog1  hydrog ?    ? A DG  1 N1    ? ? ? 1_555 A DC  8 N3 ? ? A DG  1 A DC  8 7_555 ? ? ? ? ? ? WATSON-CRICK ?     ? ? 
hydrog2  hydrog ?    ? A DG  1 N2    ? ? ? 1_555 A DC  8 O2 ? ? A DG  1 A DC  8 7_555 ? ? ? ? ? ? WATSON-CRICK ?     ? ? 
hydrog3  hydrog ?    ? A DG  1 O6    ? ? ? 1_555 A DC  8 N4 ? ? A DG  1 A DC  8 7_555 ? ? ? ? ? ? WATSON-CRICK ?     ? ? 
hydrog4  hydrog ?    ? A UMS 2 N3    ? ? ? 1_555 A DA  7 N1 ? ? A UMS 2 A DA  7 7_555 ? ? ? ? ? ? WATSON-CRICK ?     ? ? 
hydrog5  hydrog ?    ? A UMS 2 O4    ? ? ? 1_555 A DA  7 N6 ? ? A UMS 2 A DA  7 7_555 ? ? ? ? ? ? WATSON-CRICK ?     ? ? 
hydrog6  hydrog ?    ? A DG  3 N1    ? ? ? 1_555 A 5HC 6 N3 ? ? A DG  3 A 5HC 6 7_555 ? ? ? ? ? ? WATSON-CRICK ?     ? ? 
hydrog7  hydrog ?    ? A DG  3 N2    ? ? ? 1_555 A 5HC 6 O2 ? ? A DG  3 A 5HC 6 7_555 ? ? ? ? ? ? WATSON-CRICK ?     ? ? 
hydrog8  hydrog ?    ? A DG  3 O6    ? ? ? 1_555 A 5HC 6 N4 ? ? A DG  3 A 5HC 6 7_555 ? ? ? ? ? ? WATSON-CRICK ?     ? ? 
hydrog9  hydrog ?    ? A DT  4 N3    ? ? ? 1_555 A DA  5 N1 ? ? A DT  4 A DA  5 7_555 ? ? ? ? ? ? WATSON-CRICK ?     ? ? 
hydrog10 hydrog ?    ? A DT  4 O4    ? ? ? 1_555 A DA  5 N6 ? ? A DT  4 A DA  5 7_555 ? ? ? ? ? ? WATSON-CRICK ?     ? ? 
hydrog11 hydrog ?    ? A DA  5 N1    ? ? ? 1_555 A DT  4 N3 ? ? A DA  5 A DT  4 7_555 ? ? ? ? ? ? WATSON-CRICK ?     ? ? 
hydrog12 hydrog ?    ? A DA  5 N6    ? ? ? 1_555 A DT  4 O4 ? ? A DA  5 A DT  4 7_555 ? ? ? ? ? ? WATSON-CRICK ?     ? ? 
hydrog13 hydrog ?    ? A 5HC 6 N3    ? ? ? 1_555 A DG  3 N1 ? ? A 5HC 6 A DG  3 7_555 ? ? ? ? ? ? WATSON-CRICK ?     ? ? 
hydrog14 hydrog ?    ? A 5HC 6 N4    ? ? ? 1_555 A DG  3 O6 ? ? A 5HC 6 A DG  3 7_555 ? ? ? ? ? ? WATSON-CRICK ?     ? ? 
hydrog15 hydrog ?    ? A 5HC 6 O2    ? ? ? 1_555 A DG  3 N2 ? ? A 5HC 6 A DG  3 7_555 ? ? ? ? ? ? WATSON-CRICK ?     ? ? 
hydrog16 hydrog ?    ? A DA  7 N1    ? ? ? 1_555 A UMS 2 N3 ? ? A DA  7 A UMS 2 7_555 ? ? ? ? ? ? WATSON-CRICK ?     ? ? 
hydrog17 hydrog ?    ? A DA  7 N6    ? ? ? 1_555 A UMS 2 O4 ? ? A DA  7 A UMS 2 7_555 ? ? ? ? ? ? WATSON-CRICK ?     ? ? 
hydrog18 hydrog ?    ? A DC  8 N3    ? ? ? 1_555 A DG  1 N1 ? ? A DC  8 A DG  1 7_555 ? ? ? ? ? ? WATSON-CRICK ?     ? ? 
hydrog19 hydrog ?    ? A DC  8 N4    ? ? ? 1_555 A DG  1 O6 ? ? A DC  8 A DG  1 7_555 ? ? ? ? ? ? WATSON-CRICK ?     ? ? 
hydrog20 hydrog ?    ? A DC  8 O2    ? ? ? 1_555 A DG  1 N2 ? ? A DC  8 A DG  1 7_555 ? ? ? ? ? ? WATSON-CRICK ?     ? ? 
# 
loop_
_struct_conn_type.id 
_struct_conn_type.criteria 
_struct_conn_type.reference 
covale ? ? 
hydrog ? ? 
# 
_atom_sites.entry_id                    5CH0 
_atom_sites.fract_transf_matrix[1][1]   0.00895386 
_atom_sites.fract_transf_matrix[1][2]   -0.01056630 
_atom_sites.fract_transf_matrix[1][3]   0.01864854 
_atom_sites.fract_transf_matrix[2][1]   -0.02129122 
_atom_sites.fract_transf_matrix[2][2]   -0.00205604 
_atom_sites.fract_transf_matrix[2][3]   0.00905776 
_atom_sites.fract_transf_matrix[3][1]   -0.00447363 
_atom_sites.fract_transf_matrix[3][2]   -0.03728901 
_atom_sites.fract_transf_matrix[3][3]   -0.01898006 
_atom_sites.fract_transf_vector[1]      0.269385 
_atom_sites.fract_transf_vector[2]      0.283205 
_atom_sites.fract_transf_vector[3]      0.105610 
# 
loop_
_atom_type.symbol 
C  
N  
O  
P  
SE 
# 
loop_
_atom_site.group_PDB 
_atom_site.id 
_atom_site.type_symbol 
_atom_site.label_atom_id 
_atom_site.label_alt_id 
_atom_site.label_comp_id 
_atom_site.label_asym_id 
_atom_site.label_entity_id 
_atom_site.label_seq_id 
_atom_site.pdbx_PDB_ins_code 
_atom_site.Cartn_x 
_atom_site.Cartn_y 
_atom_site.Cartn_z 
_atom_site.occupancy 
_atom_site.B_iso_or_equiv 
_atom_site.pdbx_formal_charge 
_atom_site.auth_seq_id 
_atom_site.auth_comp_id 
_atom_site.auth_asym_id 
_atom_site.auth_atom_id 
_atom_site.pdbx_PDB_model_num 
ATOM   1   O  "O5'"  . DG  A 1 1 ? -9.261  5.087  9.865   1.00 7.50  ? 1   DG  A "O5'"  1 
ATOM   2   C  "C5'"  . DG  A 1 1 ? -10.560 4.737  10.309  1.00 6.70  ? 1   DG  A "C5'"  1 
ATOM   3   C  "C4'"  . DG  A 1 1 ? -11.555 4.648  9.161   1.00 5.35  ? 1   DG  A "C4'"  1 
ATOM   4   O  "O4'"  . DG  A 1 1 ? -11.711 5.942  8.528   1.00 4.89  ? 1   DG  A "O4'"  1 
ATOM   5   C  "C3'"  . DG  A 1 1 ? -11.166 3.725  8.017   1.00 4.81  ? 1   DG  A "C3'"  1 
ATOM   6   O  "O3'"  . DG  A 1 1 ? -11.478 2.377  8.349   1.00 5.84  ? 1   DG  A "O3'"  1 
ATOM   7   C  "C2'"  . DG  A 1 1 ? -12.039 4.274  6.894   1.00 5.41  ? 1   DG  A "C2'"  1 
ATOM   8   C  "C1'"  . DG  A 1 1 ? -11.908 5.774  7.138   1.00 4.96  ? 1   DG  A "C1'"  1 
ATOM   9   N  N9     . DG  A 1 1 ? -10.765 6.341  6.428   1.00 4.94  ? 1   DG  A N9     1 
ATOM   10  C  C8     . DG  A 1 1 ? -9.526  6.624  6.953   1.00 5.20  ? 1   DG  A C8     1 
ATOM   11  N  N7     . DG  A 1 1 ? -8.693  7.113  6.080   1.00 5.36  ? 1   DG  A N7     1 
ATOM   12  C  C5     . DG  A 1 1 ? -9.425  7.149  4.901   1.00 5.21  ? 1   DG  A C5     1 
ATOM   13  C  C6     . DG  A 1 1 ? -9.053  7.589  3.606   1.00 4.96  ? 1   DG  A C6     1 
ATOM   14  O  O6     . DG  A 1 1 ? -7.963  8.048  3.238   1.00 5.37  ? 1   DG  A O6     1 
ATOM   15  N  N1     . DG  A 1 1 ? -10.092 7.464  2.684   1.00 4.87  ? 1   DG  A N1     1 
ATOM   16  C  C2     . DG  A 1 1 ? -11.347 6.983  2.976   1.00 5.23  ? 1   DG  A C2     1 
ATOM   17  N  N2     . DG  A 1 1 ? -12.220 6.938  1.960   1.00 6.03  ? 1   DG  A N2     1 
ATOM   18  N  N3     . DG  A 1 1 ? -11.710 6.569  4.185   1.00 5.48  ? 1   DG  A N3     1 
ATOM   19  C  C4     . DG  A 1 1 ? -10.706 6.676  5.095   1.00 5.23  ? 1   DG  A C4     1 
HETATM 20  P  P      . UMS A 1 2 ? -10.569 1.164  7.841   1.00 5.83  ? 2   UMS A P      1 
HETATM 21  O  OP1    . UMS A 1 2 ? -11.110 -0.060 8.478   1.00 6.46  ? 2   UMS A OP1    1 
HETATM 22  O  OP2    . UMS A 1 2 ? -9.144  1.511  8.008   1.00 6.75  ? 2   UMS A OP2    1 
HETATM 23  O  "O5'"  . UMS A 1 2 ? -10.846 1.111  6.269   1.00 5.51  ? 2   UMS A "O5'"  1 
HETATM 24  C  "C5'"  . UMS A 1 2 ? -12.100 0.675  5.776   1.00 5.26  ? 2   UMS A "C5'"  1 
HETATM 25  C  "C4'"  . UMS A 1 2 ? -12.217 0.932  4.289   1.00 5.46  ? 2   UMS A "C4'"  1 
HETATM 26  O  "O4'"  . UMS A 1 2 ? -12.108 2.353  4.040   1.00 4.84  ? 2   UMS A "O4'"  1 
HETATM 27  C  "C3'"  . UMS A 1 2 ? -11.119 0.346  3.431   1.00 6.51  ? 2   UMS A "C3'"  1 
HETATM 28  O  "O3'"  . UMS A 1 2 ? -11.310 -1.042 3.297   1.00 7.53  ? 2   UMS A "O3'"  1 
HETATM 29  C  "C2'"  . UMS A 1 2 ? -11.295 1.162  2.154   1.00 6.61  ? 2   UMS A "C2'"  1 
HETATM 30  SE "SE2'" . UMS A 1 2 ? -12.879 0.620  1.118   0.90 10.25 ? 2   UMS A "SE2'" 1 
HETATM 31  C  "C1'"  . UMS A 1 2 ? -11.489 2.550  2.780   1.00 5.44  ? 2   UMS A "C1'"  1 
HETATM 32  C  "CA'"  . UMS A 1 2 ? -12.648 1.562  -0.587  0.90 8.82  ? 2   UMS A "CA'"  1 
HETATM 33  N  N1     . UMS A 1 2 ? -10.178 3.264  2.958   1.00 4.92  ? 2   UMS A N1     1 
HETATM 34  C  C2     . UMS A 1 2 ? -9.611  3.870  1.850   1.00 5.55  ? 2   UMS A C2     1 
HETATM 35  O  O2     . UMS A 1 2 ? -10.117 3.874  0.742   1.00 6.17  ? 2   UMS A O2     1 
HETATM 36  N  N3     . UMS A 1 2 ? -8.413  4.492  2.084   1.00 4.89  ? 2   UMS A N3     1 
HETATM 37  C  C4     . UMS A 1 2 ? -7.714  4.560  3.281   1.00 5.04  ? 2   UMS A C4     1 
HETATM 38  O  O4     . UMS A 1 2 ? -6.638  5.158  3.327   1.00 5.62  ? 2   UMS A O4     1 
HETATM 39  C  C5     . UMS A 1 2 ? -8.355  3.904  4.394   1.00 5.38  ? 2   UMS A C5     1 
HETATM 40  C  C6     . UMS A 1 2 ? -9.534  3.294  4.190   1.00 5.46  ? 2   UMS A C6     1 
ATOM   41  P  P      . DG  A 1 3 ? -10.034 -2.003 3.207   1.00 9.21  ? 3   DG  A P      1 
ATOM   42  O  OP1    . DG  A 1 3 ? -10.521 -3.388 3.357   1.00 11.05 ? 3   DG  A OP1    1 
ATOM   43  O  OP2    . DG  A 1 3 ? -8.908  -1.508 4.028   1.00 9.47  ? 3   DG  A OP2    1 
ATOM   44  O  "O5'"  . DG  A 1 3 ? -9.808  -1.846 1.659   1.00 12.37 ? 3   DG  A "O5'"  1 
ATOM   45  C  "C5'"  . DG  A 1 3 ? -8.630  -1.656 1.109   1.00 11.75 ? 3   DG  A "C5'"  1 
ATOM   46  C  "C4'"  . DG  A 1 3 ? -9.032  -1.251 -0.280  1.00 10.01 ? 3   DG  A "C4'"  1 
ATOM   47  O  "O4'"  . DG  A 1 3 ? -9.453  0.138  -0.290  1.00 7.92  ? 3   DG  A "O4'"  1 
ATOM   48  C  "C3'"  . DG  A 1 3 ? -7.794  -1.374 -1.112  1.00 8.65  ? 3   DG  A "C3'"  1 
ATOM   49  O  "O3'"  . DG  A 1 3 ? -7.901  -2.587 -1.818  1.00 8.43  ? 3   DG  A "O3'"  1 
ATOM   50  C  "C2'"  . DG  A 1 3 ? -7.853  -0.115 -1.959  1.00 7.44  ? 3   DG  A "C2'"  1 
ATOM   51  C  "C1'"  . DG  A 1 3 ? -8.467  0.883  -0.976  1.00 6.21  ? 3   DG  A "C1'"  1 
ATOM   52  N  N9     . DG  A 1 3 ? -7.495  1.453  -0.033  1.00 5.73  ? 3   DG  A N9     1 
ATOM   53  C  C8     . DG  A 1 3 ? -7.368  1.247  1.324   1.00 5.96  ? 3   DG  A C8     1 
ATOM   54  N  N7     . DG  A 1 3 ? -6.386  1.907  1.871   1.00 5.42  ? 3   DG  A N7     1 
ATOM   55  C  C5     . DG  A 1 3 ? -5.823  2.602  0.809   1.00 5.79  ? 3   DG  A C5     1 
ATOM   56  C  C6     . DG  A 1 3 ? -4.723  3.496  0.772   1.00 5.11  ? 3   DG  A C6     1 
ATOM   57  O  O6     . DG  A 1 3 ? -3.996  3.869  1.699   1.00 6.02  ? 3   DG  A O6     1 
ATOM   58  N  N1     . DG  A 1 3 ? -4.484  3.979  -0.515  1.00 5.33  ? 3   DG  A N1     1 
ATOM   59  C  C2     . DG  A 1 3 ? -5.212  3.644  -1.630  1.00 5.26  ? 3   DG  A C2     1 
ATOM   60  N  N2     . DG  A 1 3 ? -4.843  4.201  -2.791  1.00 5.71  ? 3   DG  A N2     1 
ATOM   61  N  N3     . DG  A 1 3 ? -6.243  2.811  -1.608  1.00 5.40  ? 3   DG  A N3     1 
ATOM   62  C  C4     . DG  A 1 3 ? -6.493  2.334  -0.364  1.00 5.63  ? 3   DG  A C4     1 
ATOM   63  P  P      . DT  A 1 4 ? -6.555  -3.377 -2.139  1.00 8.79  ? 4   DT  A P      1 
ATOM   64  O  OP1    . DT  A 1 4 ? -6.926  -4.562 -2.944  1.00 8.34  ? 4   DT  A OP1    1 
ATOM   65  O  OP2    . DT  A 1 4 ? -5.768  -3.561 -0.920  1.00 8.05  ? 4   DT  A OP2    1 
ATOM   66  O  "O5'"  . DT  A 1 4 ? -5.734  -2.353 -3.039  1.00 7.73  ? 4   DT  A "O5'"  1 
ATOM   67  C  "C5'"  . DT  A 1 4 ? -6.169  -2.035 -4.359  1.00 7.76  ? 4   DT  A "C5'"  1 
ATOM   68  C  "C4'"  . DT  A 1 4 ? -5.208  -1.037 -4.970  1.00 6.60  ? 4   DT  A "C4'"  1 
ATOM   69  O  "O4'"  . DT  A 1 4 ? -5.183  0.184  -4.188  1.00 6.05  ? 4   DT  A "O4'"  1 
ATOM   70  C  "C3'"  . DT  A 1 4 ? -3.762  -1.496 -4.976  1.00 7.11  ? 4   DT  A "C3'"  1 
ATOM   71  O  "O3'"  . DT  A 1 4 ? -3.607  -2.339 -6.093  1.00 8.27  ? 4   DT  A "O3'"  1 
ATOM   72  C  "C2'"  . DT  A 1 4 ? -3.026  -0.171 -5.116  1.00 6.09  ? 4   DT  A "C2'"  1 
ATOM   73  C  "C1'"  . DT  A 1 4 ? -3.876  0.733  -4.228  1.00 5.57  ? 4   DT  A "C1'"  1 
ATOM   74  N  N1     . DT  A 1 4 ? -3.340  0.904  -2.834  1.00 5.28  ? 4   DT  A N1     1 
ATOM   75  C  C2     . DT  A 1 4 ? -2.304  1.803  -2.639  1.00 4.61  ? 4   DT  A C2     1 
ATOM   76  O  O2     . DT  A 1 4 ? -1.799  2.452  -3.541  1.00 4.82  ? 4   DT  A O2     1 
ATOM   77  N  N3     . DT  A 1 4 ? -1.872  1.910  -1.340  1.00 4.39  ? 4   DT  A N3     1 
ATOM   78  C  C4     . DT  A 1 4 ? -2.359  1.211  -0.246  1.00 4.43  ? 4   DT  A C4     1 
ATOM   79  O  O4     . DT  A 1 4 ? -1.903  1.389  0.877   1.00 5.19  ? 4   DT  A O4     1 
ATOM   80  C  C5     . DT  A 1 4 ? -3.443  0.286  -0.511  1.00 4.87  ? 4   DT  A C5     1 
ATOM   81  C  C7     . DT  A 1 4 ? -4.046  -0.525 0.604   1.00 5.03  ? 4   DT  A C7     1 
ATOM   82  C  C6     . DT  A 1 4 ? -3.871  0.175  -1.780  1.00 5.25  ? 4   DT  A C6     1 
ATOM   83  P  P      . DA  A 1 5 ? -2.398  -3.364 -6.209  1.00 9.54  ? 5   DA  A P      1 
ATOM   84  O  OP1    . DA  A 1 5 ? -2.729  -4.290 -7.309  1.00 10.90 ? 5   DA  A OP1    1 
ATOM   85  O  OP2    . DA  A 1 5 ? -2.043  -3.890 -4.875  1.00 11.41 ? 5   DA  A OP2    1 
ATOM   86  O  "O5'"  . DA  A 1 5 ? -1.219  -2.410 -6.711  1.00 8.54  ? 5   DA  A "O5'"  1 
ATOM   87  C  "C5'"  . DA  A 1 5 ? 0.092   -2.545 -6.201  1.00 7.11  ? 5   DA  A "C5'"  1 
ATOM   88  C  "C4'"  . DA  A 1 5 ? 0.855   -1.264 -6.459  1.00 5.61  ? 5   DA  A "C4'"  1 
ATOM   89  O  "O4'"  . DA  A 1 5 ? 0.242   -0.170 -5.729  1.00 5.50  ? 5   DA  A "O4'"  1 
ATOM   90  C  "C3'"  . DA  A 1 5 ? 2.299   -1.301 -5.994  1.00 5.46  ? 5   DA  A "C3'"  1 
ATOM   91  O  "O3'"  . DA  A 1 5 ? 3.092   -1.836 -7.034  1.00 5.34  ? 5   DA  A "O3'"  1 
ATOM   92  C  "C2'"  . DA  A 1 5 ? 2.580   0.167  -5.703  1.00 5.42  ? 5   DA  A "C2'"  1 
ATOM   93  C  "C1'"  . DA  A 1 5 ? 1.252   0.578  -5.079  1.00 4.60  ? 5   DA  A "C1'"  1 
ATOM   94  N  N9     . DA  A 1 5 ? 1.135   0.366  -3.632  1.00 4.32  ? 5   DA  A N9     1 
ATOM   95  C  C8     . DA  A 1 5 ? 0.290   -0.490 -2.975  1.00 4.09  ? 5   DA  A C8     1 
ATOM   96  N  N7     . DA  A 1 5 ? 0.392   -0.446 -1.667  1.00 4.59  ? 5   DA  A N7     1 
ATOM   97  C  C5     . DA  A 1 5 ? 1.361   0.517  -1.448  1.00 4.33  ? 5   DA  A C5     1 
ATOM   98  C  C6     . DA  A 1 5 ? 1.930   1.037  -0.263  1.00 3.91  ? 5   DA  A C6     1 
ATOM   99  N  N6     . DA  A 1 5 ? 1.570   0.644  0.961   1.00 5.13  ? 5   DA  A N6     1 
ATOM   100 N  N1     . DA  A 1 5 ? 2.880   1.993  -0.388  1.00 3.90  ? 5   DA  A N1     1 
ATOM   101 C  C2     . DA  A 1 5 ? 3.245   2.393  -1.617  1.00 4.17  ? 5   DA  A C2     1 
ATOM   102 N  N3     . DA  A 1 5 ? 2.777   1.974  -2.798  1.00 4.42  ? 5   DA  A N3     1 
ATOM   103 C  C4     . DA  A 1 5 ? 1.830   1.031  -2.644  1.00 4.61  ? 5   DA  A C4     1 
HETATM 104 P  P      . 5HC A 1 6 ? 4.314   -2.805 -6.670  1.00 5.84  ? 6   5HC A P      1 
HETATM 105 O  OP1    . 5HC A 1 6 ? 4.865   -3.268 -7.962  1.00 7.26  ? 6   5HC A OP1    1 
HETATM 106 O  OP2    . 5HC A 1 6 ? 3.907   -3.785 -5.648  1.00 5.87  ? 6   5HC A OP2    1 
HETATM 107 O  "O5'"  . 5HC A 1 6 ? 5.348   -1.828 -5.945  1.00 5.20  ? 6   5HC A "O5'"  1 
HETATM 108 C  "C5'"  . 5HC A 1 6 ? 5.986   -0.765 -6.655  1.00 5.26  ? 6   5HC A "C5'"  1 
HETATM 109 C  "C4'"  . 5HC A 1 6 ? 6.736   0.135  -5.690  1.00 5.15  ? 6   5HC A "C4'"  1 
HETATM 110 O  "O4'"  . 5HC A 1 6 ? 5.827   0.721  -4.726  1.00 4.69  ? 6   5HC A "O4'"  1 
HETATM 111 C  "C3'"  . 5HC A 1 6 ? 7.772   -0.562 -4.822  1.00 5.03  ? 6   5HC A "C3'"  1 
HETATM 112 O  "O3'"  . 5HC A 1 6 ? 8.960   -0.766 -5.568  1.00 6.05  ? 6   5HC A "O3'"  1 
HETATM 113 C  "C2'"  . 5HC A 1 6 ? 7.947   0.439  -3.690  1.00 5.75  ? 6   5HC A "C2'"  1 
HETATM 114 C  "C1'"  . 5HC A 1 6 ? 6.498   0.855  -3.484  1.00 5.00  ? 6   5HC A "C1'"  1 
HETATM 115 N  N1     . 5HC A 1 6 ? 5.774   0.078  -2.415  1.00 4.52  ? 6   5HC A N1     1 
HETATM 116 C  C2     . 5HC A 1 6 ? 6.052   0.401  -1.103  1.00 4.19  ? 6   5HC A C2     1 
HETATM 117 O  O2     . 5HC A 1 6 ? 6.860   1.269  -0.808  1.00 4.78  ? 6   5HC A O2     1 
HETATM 118 N  N3     . 5HC A 1 6 ? 5.360   -0.324 -0.161  1.00 4.28  ? 6   5HC A N3     1 
HETATM 119 C  C4     . 5HC A 1 6 ? 4.427   -1.322 -0.397  1.00 4.66  ? 6   5HC A C4     1 
HETATM 120 N  N4     . 5HC A 1 6 ? 3.854   -1.900 0.527   1.00 5.23  ? 6   5HC A N4     1 
HETATM 121 C  C5     . 5HC A 1 6 ? 4.182   -1.619 -1.799  1.00 4.64  ? 6   5HC A C5     1 
HETATM 122 C  C5M    . 5HC A 1 6 ? 3.230   -2.731 -2.219  1.00 5.58  ? 6   5HC A C5M    1 
HETATM 123 O  O5     . 5HC A 1 6 ? 3.652   -3.964 -1.650  1.00 6.82  ? 6   5HC A O5     1 
HETATM 124 C  C6     . 5HC A 1 6 ? 4.854   -0.912 -2.724  1.00 4.13  ? 6   5HC A C6     1 
ATOM   125 P  P      . DA  A 1 7 ? 9.974   -1.939 -5.189  1.00 5.89  ? 7   DA  A P      1 
ATOM   126 O  OP1    . DA  A 1 7 ? 10.932  -2.043 -6.312  1.00 7.06  ? 7   DA  A OP1    1 
ATOM   127 O  OP2    . DA  A 1 7 ? 9.236   -3.138 -4.735  1.00 5.48  ? 7   DA  A OP2    1 
ATOM   128 O  "O5'"  . DA  A 1 7 ? 10.738  -1.378 -3.900  1.00 5.64  ? 7   DA  A "O5'"  1 
ATOM   129 C  "C5'"  . DA  A 1 7 ? 11.626  -0.270 -3.999  1.00 5.63  ? 7   DA  A "C5'"  1 
ATOM   130 C  "C4'"  . DA  A 1 7 ? 12.196  0.048  -2.632  1.00 4.96  ? 7   DA  A "C4'"  1 
ATOM   131 O  "O4'"  . DA  A 1 7 ? 11.120  0.421  -1.730  1.00 4.61  ? 7   DA  A "O4'"  1 
ATOM   132 C  "C3'"  . DA  A 1 7 ? 12.887  -1.119 -1.942  1.00 4.71  ? 7   DA  A "C3'"  1 
ATOM   133 O  "O3'"  . DA  A 1 7 ? 14.251  -1.157 -2.340  1.00 5.50  ? 7   DA  A "O3'"  1 
ATOM   134 C  "C2'"  . DA  A 1 7 ? 12.731  -0.781 -0.462  1.00 4.79  ? 7   DA  A "C2'"  1 
ATOM   135 C  "C1'"  . DA  A 1 7 ? 11.369  -0.118 -0.441  1.00 3.99  ? 7   DA  A "C1'"  1 
ATOM   136 N  N9     . DA  A 1 7 ? 10.211  -0.946 -0.100  1.00 3.40  ? 7   DA  A N9     1 
ATOM   137 C  C8     . DA  A 1 7 ? 9.361   -1.592 -0.964  1.00 3.73  ? 7   DA  A C8     1 
ATOM   138 N  N7     . DA  A 1 7 ? 8.378   -2.214 -0.363  1.00 3.36  ? 7   DA  A N7     1 
ATOM   139 C  C5     . DA  A 1 7 ? 8.592   -1.958 0.981   1.00 3.06  ? 7   DA  A C5     1 
ATOM   140 C  C6     . DA  A 1 7 ? 7.891   -2.340 2.145   1.00 3.41  ? 7   DA  A C6     1 
ATOM   141 N  N6     . DA  A 1 7 ? 6.784   -3.087 2.105   1.00 3.33  ? 7   DA  A N6     1 
ATOM   142 N  N1     . DA  A 1 7 ? 8.379   -1.914 3.338   1.00 3.63  ? 7   DA  A N1     1 
ATOM   143 C  C2     . DA  A 1 7 ? 9.485   -1.158 3.357   1.00 4.00  ? 7   DA  A C2     1 
ATOM   144 N  N3     . DA  A 1 7 ? 10.221  -0.740 2.329   1.00 3.84  ? 7   DA  A N3     1 
ATOM   145 C  C4     . DA  A 1 7 ? 9.716   -1.173 1.158   1.00 3.21  ? 7   DA  A C4     1 
ATOM   146 P  P      . DC  A 1 8 ? 15.060  -2.533 -2.341  1.00 6.04  ? 8   DC  A P      1 
ATOM   147 O  OP1    . DC  A 1 8 ? 16.402  -2.210 -2.878  1.00 6.67  ? 8   DC  A OP1    1 
ATOM   148 O  OP2    . DC  A 1 8 ? 14.260  -3.586 -3.006  1.00 7.06  ? 8   DC  A OP2    1 
ATOM   149 O  "O5'"  . DC  A 1 8 ? 15.190  -2.907 -0.795  1.00 5.84  ? 8   DC  A "O5'"  1 
ATOM   150 C  "C5'"  . DC  A 1 8 ? 16.014  -2.111 0.061   1.00 6.30  ? 8   DC  A "C5'"  1 
ATOM   151 C  "C4'"  . DC  A 1 8 ? 15.931  -2.611 1.491   1.00 5.85  ? 8   DC  A "C4'"  1 
ATOM   152 O  "O4'"  . DC  A 1 8 ? 14.539  -2.584 1.895   1.00 5.43  ? 8   DC  A "O4'"  1 
ATOM   153 C  "C3'"  . DC  A 1 8 ? 16.449  -4.035 1.695   1.00 7.25  ? 8   DC  A "C3'"  1 
ATOM   154 O  "O3'"  . DC  A 1 8 ? 17.314  -4.104 2.823   1.00 9.43  ? 8   DC  A "O3'"  1 
ATOM   155 C  "C2'"  . DC  A 1 8 ? 15.186  -4.846 1.939   1.00 6.52  ? 8   DC  A "C2'"  1 
ATOM   156 C  "C1'"  . DC  A 1 8 ? 14.205  -3.812 2.496   1.00 5.93  ? 8   DC  A "C1'"  1 
ATOM   157 N  N1     . DC  A 1 8 ? 12.778  -4.170 2.208   1.00 5.05  ? 8   DC  A N1     1 
ATOM   158 C  C2     . DC  A 1 8 ? 11.869  -4.335 3.268   1.00 5.32  ? 8   DC  A C2     1 
ATOM   159 O  O2     . DC  A 1 8 ? 12.246  -4.148 4.434   1.00 5.31  ? 8   DC  A O2     1 
ATOM   160 N  N3     . DC  A 1 8 ? 10.588  -4.681 2.966   1.00 4.51  ? 8   DC  A N3     1 
ATOM   161 C  C4     . DC  A 1 8 ? 10.211  -4.866 1.695   1.00 4.92  ? 8   DC  A C4     1 
ATOM   162 N  N4     . DC  A 1 8 ? 8.949   -5.226 1.460   1.00 4.81  ? 8   DC  A N4     1 
ATOM   163 C  C5     . DC  A 1 8 ? 11.117  -4.692 0.606   1.00 4.42  ? 8   DC  A C5     1 
ATOM   164 C  C6     . DC  A 1 8 ? 12.377  -4.356 0.911   1.00 5.12  ? 8   DC  A C6     1 
HETATM 165 O  O      . HOH B 2 . ? 7.302   -3.462 -8.883  1.00 20.91 ? 101 HOH A O      1 
HETATM 166 O  O      . HOH B 2 . ? 3.979   -2.492 -10.315 1.00 19.46 ? 102 HOH A O      1 
HETATM 167 O  O      . HOH B 2 . ? 12.677  -5.670 -2.552  1.00 11.75 ? 103 HOH A O      1 
HETATM 168 O  O      . HOH B 2 . ? -6.122  -3.877 1.696   1.00 19.27 ? 104 HOH A O      1 
HETATM 169 O  O      . HOH B 2 . ? -10.959 -0.532 11.104  1.00 12.85 ? 105 HOH A O      1 
HETATM 170 O  O      . HOH B 2 . ? -11.688 -2.535 7.616   1.00 22.11 ? 106 HOH A O      1 
HETATM 171 O  O      . HOH B 2 . ? -6.211  7.302  7.098   1.00 24.21 ? 107 HOH A O      1 
HETATM 172 O  O      . HOH B 2 . ? -11.662 5.059  -1.124  1.00 8.12  ? 108 HOH A O      1 
HETATM 173 O  O      . HOH B 2 . ? -5.466  8.703  4.086   1.00 9.20  ? 109 HOH A O      1 
HETATM 174 O  O      . HOH B 2 . ? -14.936 6.923  1.811   1.00 14.63 ? 110 HOH A O      1 
HETATM 175 O  O      . HOH B 2 . ? -5.652  1.684  4.506   1.00 11.91 ? 111 HOH A O      1 
HETATM 176 O  O      . HOH B 2 . ? 16.202  -1.407 -5.502  1.00 16.65 ? 112 HOH A O      1 
HETATM 177 O  O      . HOH B 2 . ? 5.620   -5.220 -4.023  1.00 10.00 ? 113 HOH A O      1 
HETATM 178 O  O      . HOH B 2 . ? 17.868  0.031  -2.195  1.00 6.37  ? 114 HOH A O      1 
HETATM 179 O  O      . HOH B 2 . ? 5.868   -4.713 -0.163  1.00 6.04  ? 115 HOH A O      1 
HETATM 180 O  O      . HOH B 2 . ? -0.671  -2.384 0.008   1.00 19.04 ? 116 HOH A O      1 
HETATM 181 O  O      . HOH B 2 . ? 13.278  -3.407 -5.603  1.00 11.78 ? 117 HOH A O      1 
HETATM 182 O  O      . HOH B 2 . ? 1.854   -5.663 -5.900  1.00 18.90 ? 118 HOH A O      1 
HETATM 183 O  O      . HOH B 2 . ? -7.433  3.718  7.885   1.00 22.82 ? 119 HOH A O      1 
HETATM 184 O  O      . HOH B 2 . ? -7.637  0.454  5.895   1.00 13.01 ? 120 HOH A O      1 
HETATM 185 O  O      . HOH B 2 . ? 3.301   3.529  -5.105  1.00 5.81  ? 121 HOH A O      1 
HETATM 186 O  O      . HOH B 2 . ? 10.051  -5.136 -2.887  1.00 10.44 ? 122 HOH A O      1 
HETATM 187 O  O      . HOH B 2 . ? 7.193   -3.352 -2.710  1.00 6.82  ? 123 HOH A O      1 
HETATM 188 O  O      . HOH B 2 . ? -8.119  7.270  11.389  1.00 11.86 ? 124 HOH A O      1 
HETATM 189 O  O      . HOH B 2 . ? 16.189  -3.871 5.490   1.00 21.93 ? 125 HOH A O      1 
HETATM 190 O  O      . HOH B 2 . ? 19.807  -5.582 3.078   1.00 26.47 ? 126 HOH A O      1 
HETATM 191 O  O      . HOH B 2 . ? 13.056  -0.165 2.857   1.00 7.17  ? 127 HOH A O      1 
HETATM 192 O  O      . HOH B 2 . ? -9.867  -3.930 -3.587  1.00 9.99  ? 128 HOH A O      1 
HETATM 193 O  O      . HOH B 2 . ? -2.806  -3.443 -1.283  1.00 28.33 ? 129 HOH A O      1 
HETATM 194 O  O      . HOH B 2 . ? 1.524   -3.977 0.919   1.00 26.16 ? 130 HOH A O      1 
HETATM 195 O  O      . HOH B 2 . ? -13.375 -4.110 4.962   1.00 30.09 ? 131 HOH A O      1 
HETATM 196 O  O      . HOH B 2 . ? 14.802  -6.246 5.327   1.00 11.12 ? 132 HOH A O      1 
HETATM 197 O  O      . HOH B 2 . ? -14.316 4.719  0.189   1.00 16.26 ? 133 HOH A O      1 
HETATM 198 O  O      . HOH B 2 . ? 4.810   3.067  -7.395  1.00 11.13 ? 134 HOH A O      1 
HETATM 199 O  O      . HOH B 2 . ? 14.403  0.601  -6.112  1.00 13.74 ? 135 HOH A O      1 
HETATM 200 O  O      . HOH B 2 . ? -4.023  3.123  5.893   1.00 27.72 ? 136 HOH A O      1 
HETATM 201 O  O      . HOH B 2 . ? 1.346   -6.423 -8.484  0.50 39.58 ? 137 HOH A O      1 
# 
loop_
_pdbx_poly_seq_scheme.asym_id 
_pdbx_poly_seq_scheme.entity_id 
_pdbx_poly_seq_scheme.seq_id 
_pdbx_poly_seq_scheme.mon_id 
_pdbx_poly_seq_scheme.ndb_seq_num 
_pdbx_poly_seq_scheme.pdb_seq_num 
_pdbx_poly_seq_scheme.auth_seq_num 
_pdbx_poly_seq_scheme.pdb_mon_id 
_pdbx_poly_seq_scheme.auth_mon_id 
_pdbx_poly_seq_scheme.pdb_strand_id 
_pdbx_poly_seq_scheme.pdb_ins_code 
_pdbx_poly_seq_scheme.hetero 
A 1 1 DG  1 1 1 DG  G   A . n 
A 1 2 UMS 2 2 2 UMS UMS A . n 
A 1 3 DG  3 3 3 DG  G   A . n 
A 1 4 DT  4 4 4 DT  T   A . n 
A 1 5 DA  5 5 5 DA  A   A . n 
A 1 6 5HC 6 6 6 5HC HMC A . n 
A 1 7 DA  7 7 7 DA  A   A . n 
A 1 8 DC  8 8 8 DC  C   A . n 
# 
loop_
_pdbx_nonpoly_scheme.asym_id 
_pdbx_nonpoly_scheme.entity_id 
_pdbx_nonpoly_scheme.mon_id 
_pdbx_nonpoly_scheme.ndb_seq_num 
_pdbx_nonpoly_scheme.pdb_seq_num 
_pdbx_nonpoly_scheme.auth_seq_num 
_pdbx_nonpoly_scheme.pdb_mon_id 
_pdbx_nonpoly_scheme.auth_mon_id 
_pdbx_nonpoly_scheme.pdb_strand_id 
_pdbx_nonpoly_scheme.pdb_ins_code 
B 2 HOH 1  101 17 HOH HOH A . 
B 2 HOH 2  102 33 HOH HOH A . 
B 2 HOH 3  103 9  HOH HOH A . 
B 2 HOH 4  104 16 HOH HOH A . 
B 2 HOH 5  105 10 HOH HOH A . 
B 2 HOH 6  106 18 HOH HOH A . 
B 2 HOH 7  107 37 HOH HOH A . 
B 2 HOH 8  108 7  HOH HOH A . 
B 2 HOH 9  109 36 HOH HOH A . 
B 2 HOH 10 110 14 HOH HOH A . 
B 2 HOH 11 111 11 HOH HOH A . 
B 2 HOH 12 112 25 HOH HOH A . 
B 2 HOH 13 113 12 HOH HOH A . 
B 2 HOH 14 114 8  HOH HOH A . 
B 2 HOH 15 115 5  HOH HOH A . 
B 2 HOH 16 116 23 HOH HOH A . 
B 2 HOH 17 117 6  HOH HOH A . 
B 2 HOH 18 118 22 HOH HOH A . 
B 2 HOH 19 119 30 HOH HOH A . 
B 2 HOH 20 120 20 HOH HOH A . 
B 2 HOH 21 121 1  HOH HOH A . 
B 2 HOH 22 122 15 HOH HOH A . 
B 2 HOH 23 123 4  HOH HOH A . 
B 2 HOH 24 124 32 HOH HOH A . 
B 2 HOH 25 125 24 HOH HOH A . 
B 2 HOH 26 126 34 HOH HOH A . 
B 2 HOH 27 127 3  HOH HOH A . 
B 2 HOH 28 128 2  HOH HOH A . 
B 2 HOH 29 129 28 HOH HOH A . 
B 2 HOH 30 130 31 HOH HOH A . 
B 2 HOH 31 131 13 HOH HOH A . 
B 2 HOH 32 132 21 HOH HOH A . 
B 2 HOH 33 133 27 HOH HOH A . 
B 2 HOH 34 134 19 HOH HOH A . 
B 2 HOH 35 135 35 HOH HOH A . 
B 2 HOH 36 136 26 HOH HOH A . 
B 2 HOH 37 137 29 HOH HOH A . 
# 
_pdbx_struct_assembly.id                   1 
_pdbx_struct_assembly.details              author_and_software_defined_assembly 
_pdbx_struct_assembly.method_details       PISA 
_pdbx_struct_assembly.oligomeric_details   dimeric 
_pdbx_struct_assembly.oligomeric_count     2 
# 
_pdbx_struct_assembly_gen.assembly_id       1 
_pdbx_struct_assembly_gen.oper_expression   1,2 
_pdbx_struct_assembly_gen.asym_id_list      A,B 
# 
loop_
_pdbx_struct_assembly_prop.biol_id 
_pdbx_struct_assembly_prop.type 
_pdbx_struct_assembly_prop.value 
_pdbx_struct_assembly_prop.details 
1 'ABSA (A^2)' 1930 ? 
1 MORE         7    ? 
1 'SSA (A^2)'  2920 ? 
# 
loop_
_pdbx_struct_oper_list.id 
_pdbx_struct_oper_list.type 
_pdbx_struct_oper_list.name 
_pdbx_struct_oper_list.symmetry_operation 
_pdbx_struct_oper_list.matrix[1][1] 
_pdbx_struct_oper_list.matrix[1][2] 
_pdbx_struct_oper_list.matrix[1][3] 
_pdbx_struct_oper_list.vector[1] 
_pdbx_struct_oper_list.matrix[2][1] 
_pdbx_struct_oper_list.matrix[2][2] 
_pdbx_struct_oper_list.matrix[2][3] 
_pdbx_struct_oper_list.vector[2] 
_pdbx_struct_oper_list.matrix[3][1] 
_pdbx_struct_oper_list.matrix[3][2] 
_pdbx_struct_oper_list.matrix[3][3] 
_pdbx_struct_oper_list.vector[3] 
1 'identity operation'         1_555 x,y,z  1.0000000000  0.0000000000 0.0000000000  0.0000000000 0.0000000000 1.0000000000  0.0000000000  0.0000000000 0.0000000000  0.0000000000  1.0000000000 0.0000000000 
2 'crystal symmetry operation' 7_555 y,x,-z -0.7179127646 0.2886031283 -0.6334899343 1.3082959761 0.2886031283 -0.7047304692 -0.6481228280 4.2300209594 -0.6334899343 -0.6481228280 0.4226432337 2.5096703051 
# 
_pdbx_struct_special_symmetry.id              1 
_pdbx_struct_special_symmetry.PDB_model_num   1 
_pdbx_struct_special_symmetry.auth_asym_id    A 
_pdbx_struct_special_symmetry.auth_comp_id    HOH 
_pdbx_struct_special_symmetry.auth_seq_id     137 
_pdbx_struct_special_symmetry.PDB_ins_code    ? 
_pdbx_struct_special_symmetry.label_asym_id   B 
_pdbx_struct_special_symmetry.label_comp_id   HOH 
_pdbx_struct_special_symmetry.label_seq_id    . 
# 
loop_
_pdbx_audit_revision_history.ordinal 
_pdbx_audit_revision_history.data_content_type 
_pdbx_audit_revision_history.major_revision 
_pdbx_audit_revision_history.minor_revision 
_pdbx_audit_revision_history.revision_date 
1 'Structure model' 1 0 2016-07-20 
2 'Structure model' 2 0 2021-01-20 
3 'Structure model' 2 1 2023-09-27 
# 
_pdbx_audit_revision_details.ordinal             1 
_pdbx_audit_revision_details.revision_ordinal    1 
_pdbx_audit_revision_details.data_content_type   'Structure model' 
_pdbx_audit_revision_details.provider            repository 
_pdbx_audit_revision_details.type                'Initial release' 
_pdbx_audit_revision_details.description         ? 
_pdbx_audit_revision_details.details             ? 
# 
loop_
_pdbx_audit_revision_group.ordinal 
_pdbx_audit_revision_group.revision_ordinal 
_pdbx_audit_revision_group.data_content_type 
_pdbx_audit_revision_group.group 
1 2 'Structure model' 'Data collection'        
2 2 'Structure model' 'Derived calculations'   
3 2 'Structure model' 'Polymer sequence'       
4 3 'Structure model' 'Data collection'        
5 3 'Structure model' 'Database references'    
6 3 'Structure model' 'Refinement description' 
# 
loop_
_pdbx_audit_revision_category.ordinal 
_pdbx_audit_revision_category.revision_ordinal 
_pdbx_audit_revision_category.data_content_type 
_pdbx_audit_revision_category.category 
1 2 'Structure model' entity_poly                   
2 2 'Structure model' pdbx_prerelease_seq           
3 2 'Structure model' pdbx_struct_oper_list         
4 3 'Structure model' chem_comp_atom                
5 3 'Structure model' chem_comp_bond                
6 3 'Structure model' database_2                    
7 3 'Structure model' pdbx_initial_refinement_model 
# 
loop_
_pdbx_audit_revision_item.ordinal 
_pdbx_audit_revision_item.revision_ordinal 
_pdbx_audit_revision_item.data_content_type 
_pdbx_audit_revision_item.item 
1 2 'Structure model' '_entity_poly.type'                         
2 2 'Structure model' '_pdbx_struct_oper_list.symmetry_operation' 
3 3 'Structure model' '_database_2.pdbx_DOI'                      
4 3 'Structure model' '_database_2.pdbx_database_accession'       
# 
loop_
_software.citation_id 
_software.classification 
_software.compiler_name 
_software.compiler_version 
_software.contact_author 
_software.contact_author_email 
_software.date 
_software.description 
_software.dependencies 
_software.hardware 
_software.language 
_software.location 
_software.mods 
_software.name 
_software.os 
_software.os_version 
_software.type 
_software.version 
_software.pdbx_ordinal 
? refinement       ? ? ? ? ? ? ? ? ? ? ? REFMAC   ? ? ? 5.2.0019 1 
? 'data reduction' ? ? ? ? ? ? ? ? ? ? ? HKL-2000 ? ? ? .        2 
? 'data scaling'   ? ? ? ? ? ? ? ? ? ? ? HKL-2000 ? ? ? .        3 
? phasing          ? ? ? ? ? ? ? ? ? ? ? PHASER   ? ? ? .        4 
# 
loop_
_pdbx_validate_rmsd_angle.id 
_pdbx_validate_rmsd_angle.PDB_model_num 
_pdbx_validate_rmsd_angle.auth_atom_id_1 
_pdbx_validate_rmsd_angle.auth_asym_id_1 
_pdbx_validate_rmsd_angle.auth_comp_id_1 
_pdbx_validate_rmsd_angle.auth_seq_id_1 
_pdbx_validate_rmsd_angle.PDB_ins_code_1 
_pdbx_validate_rmsd_angle.label_alt_id_1 
_pdbx_validate_rmsd_angle.auth_atom_id_2 
_pdbx_validate_rmsd_angle.auth_asym_id_2 
_pdbx_validate_rmsd_angle.auth_comp_id_2 
_pdbx_validate_rmsd_angle.auth_seq_id_2 
_pdbx_validate_rmsd_angle.PDB_ins_code_2 
_pdbx_validate_rmsd_angle.label_alt_id_2 
_pdbx_validate_rmsd_angle.auth_atom_id_3 
_pdbx_validate_rmsd_angle.auth_asym_id_3 
_pdbx_validate_rmsd_angle.auth_comp_id_3 
_pdbx_validate_rmsd_angle.auth_seq_id_3 
_pdbx_validate_rmsd_angle.PDB_ins_code_3 
_pdbx_validate_rmsd_angle.label_alt_id_3 
_pdbx_validate_rmsd_angle.angle_value 
_pdbx_validate_rmsd_angle.angle_target_value 
_pdbx_validate_rmsd_angle.angle_deviation 
_pdbx_validate_rmsd_angle.angle_standard_deviation 
_pdbx_validate_rmsd_angle.linker_flag 
1 1 "O5'" A DG 3 ? ? "C5'" A DG 3 ? ? "C4'" A DG 3 ? ? 100.74 109.40 -8.66 0.80 N 
2 1 "O4'" A DG 3 ? ? "C1'" A DG 3 ? ? N9    A DG 3 ? ? 110.73 108.30 2.43  0.30 N 
3 1 "O4'" A DT 4 ? ? "C1'" A DT 4 ? ? N1    A DT 4 ? ? 110.29 108.30 1.99  0.30 N 
4 1 "O4'" A DC 8 ? ? "C1'" A DC 8 ? ? N1    A DC 8 ? ? 110.63 108.30 2.33  0.30 N 
# 
loop_
_chem_comp_atom.comp_id 
_chem_comp_atom.atom_id 
_chem_comp_atom.type_symbol 
_chem_comp_atom.pdbx_aromatic_flag 
_chem_comp_atom.pdbx_stereo_config 
_chem_comp_atom.pdbx_ordinal 
5HC P      P  N N 1   
5HC OP1    O  N N 2   
5HC OP2    O  N N 3   
5HC "O5'"  O  N N 4   
5HC "C5'"  C  N N 5   
5HC "C4'"  C  N R 6   
5HC "O4'"  O  N N 7   
5HC "C3'"  C  N S 8   
5HC "O3'"  O  N N 9   
5HC "C2'"  C  N N 10  
5HC "C1'"  C  N R 11  
5HC N1     N  N N 12  
5HC C2     C  N N 13  
5HC O2     O  N N 14  
5HC N3     N  N N 15  
5HC C4     C  N N 16  
5HC N4     N  N N 17  
5HC C5     C  N N 18  
5HC C5M    C  N N 19  
5HC O5     O  N N 20  
5HC C6     C  N N 21  
5HC OP3    O  N N 22  
5HC HOP2   H  N N 23  
5HC "H5'"  H  N N 24  
5HC "H5''" H  N N 25  
5HC H4     H  N N 26  
5HC "H3'"  H  N N 27  
5HC "HO3'" H  N N 28  
5HC "H2'"  H  N N 29  
5HC "H2''" H  N N 30  
5HC "H1'"  H  N N 31  
5HC HN41   H  N N 32  
5HC HN42   H  N N 33  
5HC H5M2   H  N N 34  
5HC H5M1   H  N N 35  
5HC HO5    H  N N 36  
5HC H6     H  N N 37  
5HC HOP3   H  N N 38  
DA  OP3    O  N N 39  
DA  P      P  N N 40  
DA  OP1    O  N N 41  
DA  OP2    O  N N 42  
DA  "O5'"  O  N N 43  
DA  "C5'"  C  N N 44  
DA  "C4'"  C  N R 45  
DA  "O4'"  O  N N 46  
DA  "C3'"  C  N S 47  
DA  "O3'"  O  N N 48  
DA  "C2'"  C  N N 49  
DA  "C1'"  C  N R 50  
DA  N9     N  Y N 51  
DA  C8     C  Y N 52  
DA  N7     N  Y N 53  
DA  C5     C  Y N 54  
DA  C6     C  Y N 55  
DA  N6     N  N N 56  
DA  N1     N  Y N 57  
DA  C2     C  Y N 58  
DA  N3     N  Y N 59  
DA  C4     C  Y N 60  
DA  HOP3   H  N N 61  
DA  HOP2   H  N N 62  
DA  "H5'"  H  N N 63  
DA  "H5''" H  N N 64  
DA  "H4'"  H  N N 65  
DA  "H3'"  H  N N 66  
DA  "HO3'" H  N N 67  
DA  "H2'"  H  N N 68  
DA  "H2''" H  N N 69  
DA  "H1'"  H  N N 70  
DA  H8     H  N N 71  
DA  H61    H  N N 72  
DA  H62    H  N N 73  
DA  H2     H  N N 74  
DC  OP3    O  N N 75  
DC  P      P  N N 76  
DC  OP1    O  N N 77  
DC  OP2    O  N N 78  
DC  "O5'"  O  N N 79  
DC  "C5'"  C  N N 80  
DC  "C4'"  C  N R 81  
DC  "O4'"  O  N N 82  
DC  "C3'"  C  N S 83  
DC  "O3'"  O  N N 84  
DC  "C2'"  C  N N 85  
DC  "C1'"  C  N R 86  
DC  N1     N  N N 87  
DC  C2     C  N N 88  
DC  O2     O  N N 89  
DC  N3     N  N N 90  
DC  C4     C  N N 91  
DC  N4     N  N N 92  
DC  C5     C  N N 93  
DC  C6     C  N N 94  
DC  HOP3   H  N N 95  
DC  HOP2   H  N N 96  
DC  "H5'"  H  N N 97  
DC  "H5''" H  N N 98  
DC  "H4'"  H  N N 99  
DC  "H3'"  H  N N 100 
DC  "HO3'" H  N N 101 
DC  "H2'"  H  N N 102 
DC  "H2''" H  N N 103 
DC  "H1'"  H  N N 104 
DC  H41    H  N N 105 
DC  H42    H  N N 106 
DC  H5     H  N N 107 
DC  H6     H  N N 108 
DG  OP3    O  N N 109 
DG  P      P  N N 110 
DG  OP1    O  N N 111 
DG  OP2    O  N N 112 
DG  "O5'"  O  N N 113 
DG  "C5'"  C  N N 114 
DG  "C4'"  C  N R 115 
DG  "O4'"  O  N N 116 
DG  "C3'"  C  N S 117 
DG  "O3'"  O  N N 118 
DG  "C2'"  C  N N 119 
DG  "C1'"  C  N R 120 
DG  N9     N  Y N 121 
DG  C8     C  Y N 122 
DG  N7     N  Y N 123 
DG  C5     C  Y N 124 
DG  C6     C  N N 125 
DG  O6     O  N N 126 
DG  N1     N  N N 127 
DG  C2     C  N N 128 
DG  N2     N  N N 129 
DG  N3     N  N N 130 
DG  C4     C  Y N 131 
DG  HOP3   H  N N 132 
DG  HOP2   H  N N 133 
DG  "H5'"  H  N N 134 
DG  "H5''" H  N N 135 
DG  "H4'"  H  N N 136 
DG  "H3'"  H  N N 137 
DG  "HO3'" H  N N 138 
DG  "H2'"  H  N N 139 
DG  "H2''" H  N N 140 
DG  "H1'"  H  N N 141 
DG  H8     H  N N 142 
DG  H1     H  N N 143 
DG  H21    H  N N 144 
DG  H22    H  N N 145 
DT  OP3    O  N N 146 
DT  P      P  N N 147 
DT  OP1    O  N N 148 
DT  OP2    O  N N 149 
DT  "O5'"  O  N N 150 
DT  "C5'"  C  N N 151 
DT  "C4'"  C  N R 152 
DT  "O4'"  O  N N 153 
DT  "C3'"  C  N S 154 
DT  "O3'"  O  N N 155 
DT  "C2'"  C  N N 156 
DT  "C1'"  C  N R 157 
DT  N1     N  N N 158 
DT  C2     C  N N 159 
DT  O2     O  N N 160 
DT  N3     N  N N 161 
DT  C4     C  N N 162 
DT  O4     O  N N 163 
DT  C5     C  N N 164 
DT  C7     C  N N 165 
DT  C6     C  N N 166 
DT  HOP3   H  N N 167 
DT  HOP2   H  N N 168 
DT  "H5'"  H  N N 169 
DT  "H5''" H  N N 170 
DT  "H4'"  H  N N 171 
DT  "H3'"  H  N N 172 
DT  "HO3'" H  N N 173 
DT  "H2'"  H  N N 174 
DT  "H2''" H  N N 175 
DT  "H1'"  H  N N 176 
DT  H3     H  N N 177 
DT  H71    H  N N 178 
DT  H72    H  N N 179 
DT  H73    H  N N 180 
DT  H6     H  N N 181 
HOH O      O  N N 182 
HOH H1     H  N N 183 
HOH H2     H  N N 184 
UMS OP3    O  N N 185 
UMS P      P  N N 186 
UMS OP1    O  N N 187 
UMS OP2    O  N N 188 
UMS "O5'"  O  N N 189 
UMS "C5'"  C  N N 190 
UMS "C4'"  C  N R 191 
UMS "O4'"  O  N N 192 
UMS "C3'"  C  N R 193 
UMS "O3'"  O  N N 194 
UMS "C2'"  C  N R 195 
UMS "SE2'" SE N N 196 
UMS "C1'"  C  N R 197 
UMS "CA'"  C  N N 198 
UMS N1     N  N N 199 
UMS C2     C  N N 200 
UMS O2     O  N N 201 
UMS N3     N  N N 202 
UMS C4     C  N N 203 
UMS O4     O  N N 204 
UMS C5     C  N N 205 
UMS C6     C  N N 206 
UMS HOP3   H  N N 207 
UMS HOP2   H  N N 208 
UMS "H5'"  H  N N 209 
UMS "H5'2" H  N N 210 
UMS "H4'"  H  N N 211 
UMS "H3'"  H  N N 212 
UMS "HO3'" H  N N 213 
UMS "H2'"  H  N N 214 
UMS "H1'"  H  N N 215 
UMS "HA'"  H  N N 216 
UMS "HA'2" H  N N 217 
UMS "HA'3" H  N N 218 
UMS H3     H  N N 219 
UMS H5     H  N N 220 
UMS H6     H  N N 221 
# 
loop_
_chem_comp_bond.comp_id 
_chem_comp_bond.atom_id_1 
_chem_comp_bond.atom_id_2 
_chem_comp_bond.value_order 
_chem_comp_bond.pdbx_aromatic_flag 
_chem_comp_bond.pdbx_stereo_config 
_chem_comp_bond.pdbx_ordinal 
5HC "O4'"  "C4'"  sing N N 1   
5HC "O4'"  "C1'"  sing N N 2   
5HC "C4'"  "C5'"  sing N N 3   
5HC "C4'"  "C3'"  sing N N 4   
5HC O2     C2     doub N N 5   
5HC "C1'"  N1     sing N N 6   
5HC "C1'"  "C2'"  sing N N 7   
5HC "C5'"  "O5'"  sing N N 8   
5HC C2     N1     sing N N 9   
5HC C2     N3     sing N N 10  
5HC N1     C6     sing N N 11  
5HC N3     C4     doub N N 12  
5HC "O5'"  P      sing N N 13  
5HC "C2'"  "C3'"  sing N N 14  
5HC C6     C5     doub N N 15  
5HC "C3'"  "O3'"  sing N N 16  
5HC P      OP1    doub N N 17  
5HC P      OP2    sing N N 18  
5HC C4     C5     sing N N 19  
5HC C4     N4     sing N N 20  
5HC C5     C5M    sing N N 21  
5HC C5M    O5     sing N N 22  
5HC P      OP3    sing N N 23  
5HC OP2    HOP2   sing N N 24  
5HC "C5'"  "H5'"  sing N N 25  
5HC "C5'"  "H5''" sing N N 26  
5HC "C4'"  H4     sing N N 27  
5HC "C3'"  "H3'"  sing N N 28  
5HC "O3'"  "HO3'" sing N N 29  
5HC "C2'"  "H2'"  sing N N 30  
5HC "C2'"  "H2''" sing N N 31  
5HC "C1'"  "H1'"  sing N N 32  
5HC N4     HN41   sing N N 33  
5HC N4     HN42   sing N N 34  
5HC C5M    H5M2   sing N N 35  
5HC C5M    H5M1   sing N N 36  
5HC O5     HO5    sing N N 37  
5HC C6     H6     sing N N 38  
5HC OP3    HOP3   sing N N 39  
DA  OP3    P      sing N N 40  
DA  OP3    HOP3   sing N N 41  
DA  P      OP1    doub N N 42  
DA  P      OP2    sing N N 43  
DA  P      "O5'"  sing N N 44  
DA  OP2    HOP2   sing N N 45  
DA  "O5'"  "C5'"  sing N N 46  
DA  "C5'"  "C4'"  sing N N 47  
DA  "C5'"  "H5'"  sing N N 48  
DA  "C5'"  "H5''" sing N N 49  
DA  "C4'"  "O4'"  sing N N 50  
DA  "C4'"  "C3'"  sing N N 51  
DA  "C4'"  "H4'"  sing N N 52  
DA  "O4'"  "C1'"  sing N N 53  
DA  "C3'"  "O3'"  sing N N 54  
DA  "C3'"  "C2'"  sing N N 55  
DA  "C3'"  "H3'"  sing N N 56  
DA  "O3'"  "HO3'" sing N N 57  
DA  "C2'"  "C1'"  sing N N 58  
DA  "C2'"  "H2'"  sing N N 59  
DA  "C2'"  "H2''" sing N N 60  
DA  "C1'"  N9     sing N N 61  
DA  "C1'"  "H1'"  sing N N 62  
DA  N9     C8     sing Y N 63  
DA  N9     C4     sing Y N 64  
DA  C8     N7     doub Y N 65  
DA  C8     H8     sing N N 66  
DA  N7     C5     sing Y N 67  
DA  C5     C6     sing Y N 68  
DA  C5     C4     doub Y N 69  
DA  C6     N6     sing N N 70  
DA  C6     N1     doub Y N 71  
DA  N6     H61    sing N N 72  
DA  N6     H62    sing N N 73  
DA  N1     C2     sing Y N 74  
DA  C2     N3     doub Y N 75  
DA  C2     H2     sing N N 76  
DA  N3     C4     sing Y N 77  
DC  OP3    P      sing N N 78  
DC  OP3    HOP3   sing N N 79  
DC  P      OP1    doub N N 80  
DC  P      OP2    sing N N 81  
DC  P      "O5'"  sing N N 82  
DC  OP2    HOP2   sing N N 83  
DC  "O5'"  "C5'"  sing N N 84  
DC  "C5'"  "C4'"  sing N N 85  
DC  "C5'"  "H5'"  sing N N 86  
DC  "C5'"  "H5''" sing N N 87  
DC  "C4'"  "O4'"  sing N N 88  
DC  "C4'"  "C3'"  sing N N 89  
DC  "C4'"  "H4'"  sing N N 90  
DC  "O4'"  "C1'"  sing N N 91  
DC  "C3'"  "O3'"  sing N N 92  
DC  "C3'"  "C2'"  sing N N 93  
DC  "C3'"  "H3'"  sing N N 94  
DC  "O3'"  "HO3'" sing N N 95  
DC  "C2'"  "C1'"  sing N N 96  
DC  "C2'"  "H2'"  sing N N 97  
DC  "C2'"  "H2''" sing N N 98  
DC  "C1'"  N1     sing N N 99  
DC  "C1'"  "H1'"  sing N N 100 
DC  N1     C2     sing N N 101 
DC  N1     C6     sing N N 102 
DC  C2     O2     doub N N 103 
DC  C2     N3     sing N N 104 
DC  N3     C4     doub N N 105 
DC  C4     N4     sing N N 106 
DC  C4     C5     sing N N 107 
DC  N4     H41    sing N N 108 
DC  N4     H42    sing N N 109 
DC  C5     C6     doub N N 110 
DC  C5     H5     sing N N 111 
DC  C6     H6     sing N N 112 
DG  OP3    P      sing N N 113 
DG  OP3    HOP3   sing N N 114 
DG  P      OP1    doub N N 115 
DG  P      OP2    sing N N 116 
DG  P      "O5'"  sing N N 117 
DG  OP2    HOP2   sing N N 118 
DG  "O5'"  "C5'"  sing N N 119 
DG  "C5'"  "C4'"  sing N N 120 
DG  "C5'"  "H5'"  sing N N 121 
DG  "C5'"  "H5''" sing N N 122 
DG  "C4'"  "O4'"  sing N N 123 
DG  "C4'"  "C3'"  sing N N 124 
DG  "C4'"  "H4'"  sing N N 125 
DG  "O4'"  "C1'"  sing N N 126 
DG  "C3'"  "O3'"  sing N N 127 
DG  "C3'"  "C2'"  sing N N 128 
DG  "C3'"  "H3'"  sing N N 129 
DG  "O3'"  "HO3'" sing N N 130 
DG  "C2'"  "C1'"  sing N N 131 
DG  "C2'"  "H2'"  sing N N 132 
DG  "C2'"  "H2''" sing N N 133 
DG  "C1'"  N9     sing N N 134 
DG  "C1'"  "H1'"  sing N N 135 
DG  N9     C8     sing Y N 136 
DG  N9     C4     sing Y N 137 
DG  C8     N7     doub Y N 138 
DG  C8     H8     sing N N 139 
DG  N7     C5     sing Y N 140 
DG  C5     C6     sing N N 141 
DG  C5     C4     doub Y N 142 
DG  C6     O6     doub N N 143 
DG  C6     N1     sing N N 144 
DG  N1     C2     sing N N 145 
DG  N1     H1     sing N N 146 
DG  C2     N2     sing N N 147 
DG  C2     N3     doub N N 148 
DG  N2     H21    sing N N 149 
DG  N2     H22    sing N N 150 
DG  N3     C4     sing N N 151 
DT  OP3    P      sing N N 152 
DT  OP3    HOP3   sing N N 153 
DT  P      OP1    doub N N 154 
DT  P      OP2    sing N N 155 
DT  P      "O5'"  sing N N 156 
DT  OP2    HOP2   sing N N 157 
DT  "O5'"  "C5'"  sing N N 158 
DT  "C5'"  "C4'"  sing N N 159 
DT  "C5'"  "H5'"  sing N N 160 
DT  "C5'"  "H5''" sing N N 161 
DT  "C4'"  "O4'"  sing N N 162 
DT  "C4'"  "C3'"  sing N N 163 
DT  "C4'"  "H4'"  sing N N 164 
DT  "O4'"  "C1'"  sing N N 165 
DT  "C3'"  "O3'"  sing N N 166 
DT  "C3'"  "C2'"  sing N N 167 
DT  "C3'"  "H3'"  sing N N 168 
DT  "O3'"  "HO3'" sing N N 169 
DT  "C2'"  "C1'"  sing N N 170 
DT  "C2'"  "H2'"  sing N N 171 
DT  "C2'"  "H2''" sing N N 172 
DT  "C1'"  N1     sing N N 173 
DT  "C1'"  "H1'"  sing N N 174 
DT  N1     C2     sing N N 175 
DT  N1     C6     sing N N 176 
DT  C2     O2     doub N N 177 
DT  C2     N3     sing N N 178 
DT  N3     C4     sing N N 179 
DT  N3     H3     sing N N 180 
DT  C4     O4     doub N N 181 
DT  C4     C5     sing N N 182 
DT  C5     C7     sing N N 183 
DT  C5     C6     doub N N 184 
DT  C7     H71    sing N N 185 
DT  C7     H72    sing N N 186 
DT  C7     H73    sing N N 187 
DT  C6     H6     sing N N 188 
HOH O      H1     sing N N 189 
HOH O      H2     sing N N 190 
UMS OP3    P      sing N N 191 
UMS OP3    HOP3   sing N N 192 
UMS P      OP1    doub N N 193 
UMS P      OP2    sing N N 194 
UMS P      "O5'"  sing N N 195 
UMS OP2    HOP2   sing N N 196 
UMS "O5'"  "C5'"  sing N N 197 
UMS "C5'"  "C4'"  sing N N 198 
UMS "C5'"  "H5'"  sing N N 199 
UMS "C5'"  "H5'2" sing N N 200 
UMS "C4'"  "O4'"  sing N N 201 
UMS "C4'"  "C3'"  sing N N 202 
UMS "C4'"  "H4'"  sing N N 203 
UMS "O4'"  "C1'"  sing N N 204 
UMS "C3'"  "O3'"  sing N N 205 
UMS "C3'"  "C2'"  sing N N 206 
UMS "C3'"  "H3'"  sing N N 207 
UMS "O3'"  "HO3'" sing N N 208 
UMS "C2'"  "SE2'" sing N N 209 
UMS "C2'"  "C1'"  sing N N 210 
UMS "C2'"  "H2'"  sing N N 211 
UMS "SE2'" "CA'"  sing N N 212 
UMS "C1'"  N1     sing N N 213 
UMS "C1'"  "H1'"  sing N N 214 
UMS "CA'"  "HA'"  sing N N 215 
UMS "CA'"  "HA'2" sing N N 216 
UMS "CA'"  "HA'3" sing N N 217 
UMS N1     C2     sing N N 218 
UMS N1     C6     sing N N 219 
UMS C2     O2     doub N N 220 
UMS C2     N3     sing N N 221 
UMS N3     C4     sing N N 222 
UMS N3     H3     sing N N 223 
UMS C4     O4     doub N N 224 
UMS C4     C5     sing N N 225 
UMS C5     C6     doub N N 226 
UMS C5     H5     sing N N 227 
UMS C6     H6     sing N N 228 
# 
loop_
_ndb_struct_conf_na.entry_id 
_ndb_struct_conf_na.feature 
5CH0 'a-form double helix'  
5CH0 'mismatched base pair' 
# 
loop_
_ndb_struct_na_base_pair.model_number 
_ndb_struct_na_base_pair.i_label_asym_id 
_ndb_struct_na_base_pair.i_label_comp_id 
_ndb_struct_na_base_pair.i_label_seq_id 
_ndb_struct_na_base_pair.i_symmetry 
_ndb_struct_na_base_pair.j_label_asym_id 
_ndb_struct_na_base_pair.j_label_comp_id 
_ndb_struct_na_base_pair.j_label_seq_id 
_ndb_struct_na_base_pair.j_symmetry 
_ndb_struct_na_base_pair.shear 
_ndb_struct_na_base_pair.stretch 
_ndb_struct_na_base_pair.stagger 
_ndb_struct_na_base_pair.buckle 
_ndb_struct_na_base_pair.propeller 
_ndb_struct_na_base_pair.opening 
_ndb_struct_na_base_pair.pair_number 
_ndb_struct_na_base_pair.pair_name 
_ndb_struct_na_base_pair.i_auth_asym_id 
_ndb_struct_na_base_pair.i_auth_seq_id 
_ndb_struct_na_base_pair.i_PDB_ins_code 
_ndb_struct_na_base_pair.j_auth_asym_id 
_ndb_struct_na_base_pair.j_auth_seq_id 
_ndb_struct_na_base_pair.j_PDB_ins_code 
_ndb_struct_na_base_pair.hbond_type_28 
_ndb_struct_na_base_pair.hbond_type_12 
1 A DG  1 1_555 A DC  8 7_555 -0.279 -0.107 -0.352 -19.065 -12.297 -1.881 1 A_DG1:DC8_A  A 1 ? A 8 ? 19 1 
1 A UMS 2 1_555 A DA  7 7_555 0.000  -0.120 0.205  -9.042  -11.494 2.123  2 A_UMS2:DA7_A A 2 ? A 7 ? 20 1 
1 A DG  3 1_555 A 5HC 6 7_555 -0.264 -0.178 0.266  -4.827  -12.702 1.100  3 A_DG3:5HC6_A A 3 ? A 6 ? 19 1 
1 A DT  4 1_555 A DA  5 7_555 -0.116 -0.145 0.316  -4.339  -8.449  -4.451 4 A_DT4:DA5_A  A 4 ? A 5 ? 20 1 
1 A DA  5 1_555 A DT  4 7_555 0.116  -0.145 0.317  4.339   -8.449  -4.451 5 A_DA5:DT4_A  A 5 ? A 4 ? 20 1 
1 A 5HC 6 1_555 A DG  3 7_555 0.264  -0.178 0.266  4.827   -12.702 1.100  6 A_5HC6:DG3_A A 6 ? A 3 ? 19 1 
1 A DA  7 1_555 A UMS 2 7_555 0.000  -0.120 0.205  9.042   -11.494 2.123  7 A_DA7:UMS2_A A 7 ? A 2 ? 20 1 
1 A DC  8 1_555 A DG  1 7_555 0.279  -0.107 -0.352 19.065  -12.297 -1.881 8 A_DC8:DG1_A  A 8 ? A 1 ? 19 1 
# 
loop_
_ndb_struct_na_base_pair_step.model_number 
_ndb_struct_na_base_pair_step.i_label_asym_id_1 
_ndb_struct_na_base_pair_step.i_label_comp_id_1 
_ndb_struct_na_base_pair_step.i_label_seq_id_1 
_ndb_struct_na_base_pair_step.i_symmetry_1 
_ndb_struct_na_base_pair_step.j_label_asym_id_1 
_ndb_struct_na_base_pair_step.j_label_comp_id_1 
_ndb_struct_na_base_pair_step.j_label_seq_id_1 
_ndb_struct_na_base_pair_step.j_symmetry_1 
_ndb_struct_na_base_pair_step.i_label_asym_id_2 
_ndb_struct_na_base_pair_step.i_label_comp_id_2 
_ndb_struct_na_base_pair_step.i_label_seq_id_2 
_ndb_struct_na_base_pair_step.i_symmetry_2 
_ndb_struct_na_base_pair_step.j_label_asym_id_2 
_ndb_struct_na_base_pair_step.j_label_comp_id_2 
_ndb_struct_na_base_pair_step.j_label_seq_id_2 
_ndb_struct_na_base_pair_step.j_symmetry_2 
_ndb_struct_na_base_pair_step.shift 
_ndb_struct_na_base_pair_step.slide 
_ndb_struct_na_base_pair_step.rise 
_ndb_struct_na_base_pair_step.tilt 
_ndb_struct_na_base_pair_step.roll 
_ndb_struct_na_base_pair_step.twist 
_ndb_struct_na_base_pair_step.x_displacement 
_ndb_struct_na_base_pair_step.y_displacement 
_ndb_struct_na_base_pair_step.helical_rise 
_ndb_struct_na_base_pair_step.inclination 
_ndb_struct_na_base_pair_step.tip 
_ndb_struct_na_base_pair_step.helical_twist 
_ndb_struct_na_base_pair_step.step_number 
_ndb_struct_na_base_pair_step.step_name 
_ndb_struct_na_base_pair_step.i_auth_asym_id_1 
_ndb_struct_na_base_pair_step.i_auth_seq_id_1 
_ndb_struct_na_base_pair_step.i_PDB_ins_code_1 
_ndb_struct_na_base_pair_step.j_auth_asym_id_1 
_ndb_struct_na_base_pair_step.j_auth_seq_id_1 
_ndb_struct_na_base_pair_step.j_PDB_ins_code_1 
_ndb_struct_na_base_pair_step.i_auth_asym_id_2 
_ndb_struct_na_base_pair_step.i_auth_seq_id_2 
_ndb_struct_na_base_pair_step.i_PDB_ins_code_2 
_ndb_struct_na_base_pair_step.j_auth_asym_id_2 
_ndb_struct_na_base_pair_step.j_auth_seq_id_2 
_ndb_struct_na_base_pair_step.j_PDB_ins_code_2 
1 A DG  1 1_555 A DC  8 7_555 A UMS 2 1_555 A DA  7 7_555 0.426  -0.924 3.116 -3.433 13.146 30.262 -3.600 -1.265 2.453 23.734 
6.198  33.107 1 AA_DG1UMS2:DA7DC8_AA  A 1 ? A 8 ? A 2 ? A 7 ? 
1 A UMS 2 1_555 A DA  7 7_555 A DG  3 1_555 A 5HC 6 7_555 0.818  -1.374 3.042 0.848  9.933  30.676 -4.017 -1.343 2.508 18.183 
-1.552 32.218 2 AA_UMS2DG3:5HC6DA7_AA A 2 ? A 7 ? A 3 ? A 6 ? 
1 A DG  3 1_555 A 5HC 6 7_555 A DT  4 1_555 A DA  5 7_555 -0.280 -1.883 3.322 0.367  -0.201 33.639 -3.220 0.544  3.330 -0.347 
-0.634 33.641 3 AA_DG3DT4:DA55HC6_AA  A 3 ? A 6 ? A 4 ? A 5 ? 
1 A DT  4 1_555 A DA  5 7_555 A DA  5 1_555 A DT  4 7_555 0.000  -1.616 2.963 0.000  5.455  29.159 -4.147 0.000  2.623 10.716 
0.000  29.654 4 AA_DT4DA5:DT4DA5_AA   A 4 ? A 5 ? A 5 ? A 4 ? 
1 A DA  5 1_555 A DT  4 7_555 A 5HC 6 1_555 A DG  3 7_555 0.280  -1.883 3.322 -0.367 -0.201 33.639 -3.220 -0.544 3.330 -0.347 
0.634  33.641 5 AA_DA55HC6:DG3DT4_AA  A 5 ? A 4 ? A 6 ? A 3 ? 
1 A 5HC 6 1_555 A DG  3 7_555 A DA  7 1_555 A UMS 2 7_555 -0.818 -1.374 3.042 -0.848 9.933  30.676 -4.017 1.343  2.508 18.183 
1.552  32.218 6 AA_5HC6DA7:UMS2DG3_AA A 6 ? A 3 ? A 7 ? A 2 ? 
1 A DA  7 1_555 A UMS 2 7_555 A DC  8 1_555 A DG  1 7_555 -0.426 -0.924 3.116 3.433  13.146 30.262 -3.600 1.265  2.453 23.734 
-6.198 33.107 7 AA_DA7DC8:DG1UMS2_AA  A 7 ? A 2 ? A 8 ? A 1 ? 
# 
_pdbx_entity_nonpoly.entity_id   2 
_pdbx_entity_nonpoly.name        water 
_pdbx_entity_nonpoly.comp_id     HOH 
# 
_pdbx_initial_refinement_model.id               1 
_pdbx_initial_refinement_model.entity_id_list   ? 
_pdbx_initial_refinement_model.type             'experimental model' 
_pdbx_initial_refinement_model.source_name      PDB 
_pdbx_initial_refinement_model.accession_code   1Z7I 
_pdbx_initial_refinement_model.details          ? 
# 
